data_7KPB
#
_entry.id   7KPB
#
_cell.length_a   99.510
_cell.length_b   99.510
_cell.length_c   311.350
_cell.angle_alpha   90.000
_cell.angle_beta   90.000
_cell.angle_gamma   90.000
#
_symmetry.space_group_name_H-M   'P 41 21 2'
#
loop_
_entity.id
_entity.type
_entity.pdbx_description
1 polymer 'Tumor necrosis factor'
2 polymer 'Tumor necrosis factor receptor superfamily member 1A'
3 polymer 'Fab1974 - Light Chain'
4 polymer 'Fab1974 - Heavy Chain'
5 non-polymer GLYCEROL
6 non-polymer 5-(1-{[2-(difluoromethoxy)phenyl]methyl}-2-{[3-(2-oxopyrrolidin-1-yl)phenoxy]methyl}-1H-benzimidazol-6-yl)pyridin-2(1H)-one
7 non-polymer 2-acetamido-2-deoxy-beta-D-glucopyranose
8 water water
#
loop_
_entity_poly.entity_id
_entity_poly.type
_entity_poly.pdbx_seq_one_letter_code
_entity_poly.pdbx_strand_id
1 'polypeptide(L)'
;SVRSSSRTPSDKPVAHVVANPQAEGQLQWLNRRANALLANGVELRDNQLVVPSEGLYLIYSQVLFKGQGCPSTHVLLTHT
ISRIAVSYQTKVNLLSAIKSPCQRETPEGAEAKPWYEPIYLGGVFQLEKGDRLSAEINRPDYLDFAESGQVYFGIIAL
;
A,B,C
2 'polypeptide(L)'
;GSVCPQGKYIHPQDNSICCTKCHKGTYLYNDCPGPGQDTDCRECESGSFTASENHLRHCLSCSKCRKEMGQVEISSCTVD
RDTVCGCRKNQYRHYWSENLFQCFNCSLCLNGTVHLSCQEKQNTVCTCHAGFFLRENECVSSSN
;
F,E
3 'polypeptide(L)'
;DIQMTQSPASLPASPEEIVTITCQASQDIGNWLSWYQQKPGKSPQLLIYGATSLADGVPSRFSASRSGTQYSLKISRLQV
EDFGIFYCLQGQSTPYTFGAGTKLELKRTDAAPTVSIFPPSSEQLTSGGASVVCFLNNFYPKDINVKWKIDGSERQNGVL
NSWTDQDSKDSTYSMSSTLTLTKDEYERHNSYTCEATHKTSTSPIVKSFNRNEC
;
L
4 'polypeptide(L)'
;DVQLVESGGGLVQPGRSLKLSCAASGFTFSAYYMAWVRQAPTKGLEWVASINYDGANTFYRDSVKGRFTVSRDNARSSLY
LQMDSLRSEDTATYYCTTEAYGYNSNWFGYWGQGTLVTVSSAKTTPPSVYPLAPGSAAQTNSMVTLGCLVKGYFPEPVTV
TWNSGSLSSGVHTFPAVLQSDLYTLSSSVTVPSSTWPSETVTCNVAHPASSTKVDKKIVPRDC
;
H
#
# COMPACT_ATOMS: atom_id res chain seq x y z
N SER A 6 -35.85 9.19 25.80
CA SER A 6 -34.41 9.22 25.58
C SER A 6 -34.07 9.75 24.19
N ARG A 7 -32.97 9.25 23.61
CA ARG A 7 -32.51 9.67 22.30
C ARG A 7 -32.56 8.50 21.34
N THR A 8 -32.84 8.80 20.08
CA THR A 8 -32.94 7.77 19.05
C THR A 8 -31.58 7.10 18.85
N PRO A 9 -31.50 5.77 18.95
CA PRO A 9 -30.24 5.08 18.67
C PRO A 9 -29.91 5.12 17.19
N SER A 10 -28.68 4.75 16.87
CA SER A 10 -28.16 4.85 15.52
C SER A 10 -28.27 3.51 14.80
N ASP A 11 -28.64 3.57 13.52
CA ASP A 11 -28.69 2.40 12.67
C ASP A 11 -27.47 2.27 11.76
N LYS A 12 -26.40 3.01 12.05
CA LYS A 12 -25.24 3.05 11.18
C LYS A 12 -24.41 1.78 11.38
N PRO A 13 -24.15 0.99 10.33
CA PRO A 13 -23.31 -0.21 10.48
C PRO A 13 -21.88 0.13 10.87
N VAL A 14 -21.48 -0.22 12.09
CA VAL A 14 -20.14 0.06 12.58
C VAL A 14 -19.54 -1.21 13.16
N ALA A 15 -18.21 -1.23 13.27
CA ALA A 15 -17.51 -2.37 13.82
C ALA A 15 -16.14 -1.95 14.32
N HIS A 16 -15.64 -2.67 15.33
CA HIS A 16 -14.31 -2.41 15.89
C HIS A 16 -13.81 -3.71 16.52
N VAL A 17 -12.87 -4.36 15.85
CA VAL A 17 -12.37 -5.66 16.30
C VAL A 17 -10.88 -5.54 16.58
N VAL A 18 -10.42 -6.31 17.56
CA VAL A 18 -9.05 -6.18 18.07
C VAL A 18 -8.36 -7.53 17.98
N ALA A 19 -7.03 -7.49 18.01
CA ALA A 19 -6.25 -8.70 17.80
C ALA A 19 -6.33 -9.64 19.01
N ASN A 20 -6.18 -10.93 18.74
CA ASN A 20 -6.14 -11.94 19.78
C ASN A 20 -4.69 -12.10 20.23
N PRO A 21 -4.33 -11.69 21.45
CA PRO A 21 -2.93 -11.81 21.85
C PRO A 21 -2.46 -13.24 22.02
N GLN A 22 -3.32 -14.14 22.50
CA GLN A 22 -2.86 -15.51 22.75
C GLN A 22 -2.68 -16.31 21.47
N ALA A 23 -3.32 -15.91 20.37
CA ALA A 23 -3.22 -16.63 19.10
C ALA A 23 -2.01 -16.11 18.34
N GLU A 24 -0.83 -16.55 18.76
CA GLU A 24 0.42 -16.11 18.15
C GLU A 24 0.62 -16.75 16.79
N GLY A 25 1.55 -16.19 16.02
CA GLY A 25 1.80 -16.66 14.69
C GLY A 25 0.76 -16.26 13.66
N GLN A 26 -0.19 -15.42 14.04
CA GLN A 26 -1.26 -15.02 13.14
C GLN A 26 -1.92 -13.77 13.69
N LEU A 27 -2.75 -13.15 12.85
CA LEU A 27 -3.53 -11.97 13.23
C LEU A 27 -5.00 -12.35 13.17
N GLN A 28 -5.58 -12.63 14.34
CA GLN A 28 -6.94 -13.13 14.48
CA GLN A 28 -6.94 -13.11 14.46
C GLN A 28 -7.76 -12.08 15.20
N TRP A 29 -8.84 -11.61 14.57
CA TRP A 29 -9.65 -10.55 15.13
C TRP A 29 -10.70 -11.10 16.08
N LEU A 30 -10.99 -10.31 17.12
CA LEU A 30 -11.99 -10.69 18.12
C LEU A 30 -12.99 -9.56 18.29
N ASN A 31 -14.22 -9.93 18.68
CA ASN A 31 -15.23 -8.96 19.05
C ASN A 31 -15.84 -9.21 20.42
N ARG A 32 -15.69 -10.39 21.00
CA ARG A 32 -16.21 -10.71 22.32
C ARG A 32 -15.22 -10.35 23.43
N ARG A 33 -14.56 -9.20 23.30
CA ARG A 33 -13.70 -8.64 24.31
C ARG A 33 -14.20 -7.25 24.67
N ALA A 34 -13.70 -6.72 25.77
CA ALA A 34 -14.11 -5.39 26.21
C ALA A 34 -13.64 -4.34 25.21
N ASN A 35 -14.55 -3.44 24.85
CA ASN A 35 -14.32 -2.32 23.94
C ASN A 35 -14.15 -2.75 22.48
N ALA A 36 -14.43 -4.01 22.16
CA ALA A 36 -14.64 -4.43 20.79
C ALA A 36 -16.13 -4.36 20.47
N LEU A 37 -16.45 -4.21 19.19
CA LEU A 37 -17.82 -3.85 18.83
C LEU A 37 -18.21 -4.40 17.46
N LEU A 38 -19.43 -4.91 17.39
CA LEU A 38 -20.12 -5.19 16.14
C LEU A 38 -21.55 -4.71 16.32
N ALA A 39 -22.02 -3.85 15.42
CA ALA A 39 -23.32 -3.24 15.63
C ALA A 39 -24.03 -3.01 14.29
N ASN A 40 -25.35 -3.20 14.31
CA ASN A 40 -26.24 -2.80 13.20
C ASN A 40 -25.86 -3.49 11.89
N GLY A 41 -25.69 -4.81 11.95
CA GLY A 41 -25.58 -5.60 10.73
C GLY A 41 -24.22 -6.22 10.51
N VAL A 42 -23.15 -5.53 10.89
CA VAL A 42 -21.80 -6.03 10.65
C VAL A 42 -21.54 -7.26 11.51
N GLU A 43 -20.86 -8.25 10.93
CA GLU A 43 -20.55 -9.50 11.60
CA GLU A 43 -20.53 -9.45 11.67
C GLU A 43 -19.10 -9.86 11.34
N LEU A 44 -18.55 -10.68 12.23
CA LEU A 44 -17.17 -11.16 12.14
C LEU A 44 -17.24 -12.66 11.86
N ARG A 45 -17.00 -13.03 10.60
CA ARG A 45 -17.15 -14.40 10.14
C ARG A 45 -15.89 -14.80 9.39
N ASP A 46 -15.24 -15.87 9.85
CA ASP A 46 -14.00 -16.37 9.23
C ASP A 46 -12.91 -15.30 9.22
N ASN A 47 -12.76 -14.63 10.37
CA ASN A 47 -11.75 -13.58 10.57
C ASN A 47 -11.90 -12.43 9.57
N GLN A 48 -13.14 -12.18 9.15
CA GLN A 48 -13.43 -11.15 8.16
C GLN A 48 -14.64 -10.37 8.60
N LEU A 49 -14.62 -9.06 8.35
CA LEU A 49 -15.79 -8.22 8.61
C LEU A 49 -16.76 -8.33 7.44
N VAL A 50 -18.02 -8.59 7.74
CA VAL A 50 -19.04 -8.78 6.71
C VAL A 50 -19.90 -7.52 6.63
N VAL A 51 -19.97 -6.94 5.44
CA VAL A 51 -20.66 -5.67 5.22
C VAL A 51 -22.15 -5.94 4.99
N PRO A 52 -23.04 -5.28 5.72
CA PRO A 52 -24.47 -5.58 5.60
C PRO A 52 -25.18 -4.79 4.52
N SER A 53 -24.74 -3.55 4.27
CA SER A 53 -25.43 -2.67 3.34
C SER A 53 -24.43 -2.00 2.40
N GLU A 54 -24.85 -1.82 1.15
CA GLU A 54 -24.00 -1.16 0.16
C GLU A 54 -23.91 0.33 0.47
N GLY A 55 -22.74 0.91 0.24
CA GLY A 55 -22.54 2.32 0.49
C GLY A 55 -21.08 2.64 0.73
N LEU A 56 -20.84 3.90 1.06
CA LEU A 56 -19.50 4.37 1.37
C LEU A 56 -19.16 4.06 2.83
N TYR A 57 -17.95 3.56 3.05
CA TYR A 57 -17.51 3.13 4.36
C TYR A 57 -16.12 3.68 4.65
N LEU A 58 -15.93 4.14 5.88
CA LEU A 58 -14.59 4.46 6.37
C LEU A 58 -13.98 3.19 6.95
N ILE A 59 -12.90 2.72 6.36
CA ILE A 59 -12.13 1.61 6.89
C ILE A 59 -10.94 2.17 7.64
N TYR A 60 -10.66 1.65 8.83
CA TYR A 60 -9.52 2.09 9.61
C TYR A 60 -8.92 0.91 10.35
N SER A 61 -7.59 0.89 10.44
CA SER A 61 -6.89 -0.18 11.13
C SER A 61 -5.53 0.32 11.58
N GLN A 62 -4.93 -0.41 12.51
CA GLN A 62 -3.60 -0.13 13.01
C GLN A 62 -2.98 -1.43 13.48
N VAL A 63 -1.72 -1.66 13.13
CA VAL A 63 -0.95 -2.81 13.62
C VAL A 63 0.37 -2.28 14.14
N LEU A 64 0.64 -2.51 15.42
CA LEU A 64 1.84 -2.01 16.07
C LEU A 64 2.95 -3.06 15.96
N PHE A 65 3.99 -2.73 15.21
CA PHE A 65 5.16 -3.60 15.06
C PHE A 65 6.23 -3.22 16.06
N LYS A 66 6.86 -4.22 16.66
CA LYS A 66 7.91 -4.03 17.65
C LYS A 66 9.10 -4.91 17.33
N GLY A 67 10.27 -4.48 17.75
CA GLY A 67 11.48 -5.27 17.56
C GLY A 67 12.56 -4.87 18.55
N GLN A 68 13.66 -5.60 18.49
CA GLN A 68 14.84 -5.32 19.31
C GLN A 68 16.06 -5.42 18.43
N GLY A 69 16.78 -4.31 18.28
CA GLY A 69 17.93 -4.29 17.40
C GLY A 69 17.52 -4.34 15.94
N CYS A 70 18.52 -4.45 15.08
CA CYS A 70 18.31 -4.48 13.64
C CYS A 70 19.17 -5.58 13.03
N PRO A 71 18.58 -6.58 12.40
CA PRO A 71 19.36 -7.68 11.85
C PRO A 71 20.05 -7.29 10.55
N SER A 72 20.92 -8.20 10.09
CA SER A 72 21.63 -7.97 8.83
C SER A 72 20.66 -7.95 7.65
N THR A 73 19.81 -8.96 7.57
CA THR A 73 18.78 -9.00 6.53
C THR A 73 17.76 -7.91 6.80
N HIS A 74 17.62 -6.98 5.85
CA HIS A 74 16.69 -5.87 6.03
C HIS A 74 15.25 -6.37 5.97
N VAL A 75 14.50 -6.10 7.03
CA VAL A 75 13.14 -6.61 7.22
C VAL A 75 12.15 -5.62 6.63
N LEU A 76 11.13 -6.15 5.95
CA LEU A 76 10.06 -5.35 5.37
C LEU A 76 8.74 -5.79 5.99
N LEU A 77 8.02 -4.84 6.61
CA LEU A 77 6.74 -5.10 7.24
C LEU A 77 5.63 -4.53 6.37
N THR A 78 4.59 -5.33 6.12
CA THR A 78 3.47 -4.90 5.30
C THR A 78 2.16 -5.09 6.03
N HIS A 79 1.14 -4.41 5.52
CA HIS A 79 -0.22 -4.44 6.07
C HIS A 79 -1.17 -4.10 4.93
N THR A 80 -2.18 -4.94 4.73
CA THR A 80 -3.02 -4.85 3.53
C THR A 80 -4.47 -5.16 3.87
N ILE A 81 -5.39 -4.33 3.38
CA ILE A 81 -6.82 -4.52 3.57
C ILE A 81 -7.46 -4.73 2.20
N SER A 82 -8.34 -5.73 2.09
CA SER A 82 -9.00 -6.05 0.83
C SER A 82 -10.45 -6.47 1.10
N ARG A 83 -11.22 -6.59 0.03
CA ARG A 83 -12.61 -7.03 0.10
C ARG A 83 -12.84 -8.21 -0.82
N ILE A 84 -13.90 -8.96 -0.52
CA ILE A 84 -14.31 -10.10 -1.33
C ILE A 84 -15.83 -10.00 -1.54
N ALA A 85 -16.24 -9.86 -2.79
CA ALA A 85 -17.64 -9.66 -3.13
C ALA A 85 -18.42 -10.97 -3.06
N VAL A 86 -19.73 -10.84 -2.81
CA VAL A 86 -20.55 -11.99 -2.46
C VAL A 86 -20.65 -12.96 -3.64
N SER A 87 -20.91 -12.45 -4.83
CA SER A 87 -21.05 -13.27 -6.02
C SER A 87 -19.72 -13.34 -6.75
N TYR A 88 -19.40 -14.53 -7.26
CA TYR A 88 -18.17 -14.91 -7.97
C TYR A 88 -16.91 -14.78 -7.12
N GLN A 89 -17.04 -14.45 -5.83
CA GLN A 89 -15.90 -14.35 -4.91
C GLN A 89 -14.78 -13.50 -5.50
N THR A 90 -15.15 -12.31 -5.95
CA THR A 90 -14.19 -11.41 -6.60
C THR A 90 -13.39 -10.65 -5.54
N LYS A 91 -12.06 -10.67 -5.68
CA LYS A 91 -11.15 -10.02 -4.75
C LYS A 91 -10.78 -8.64 -5.28
N VAL A 92 -10.94 -7.63 -4.43
CA VAL A 92 -10.56 -6.26 -4.76
C VAL A 92 -9.61 -5.76 -3.67
N ASN A 93 -8.47 -5.22 -4.08
CA ASN A 93 -7.47 -4.71 -3.15
C ASN A 93 -7.69 -3.21 -2.96
N LEU A 94 -7.88 -2.81 -1.70
CA LEU A 94 -8.22 -1.43 -1.33
C LEU A 94 -7.03 -0.67 -0.75
N LEU A 95 -6.39 -1.22 0.28
CA LEU A 95 -5.35 -0.51 1.03
C LEU A 95 -4.16 -1.42 1.27
N SER A 96 -2.97 -0.84 1.23
CA SER A 96 -1.75 -1.58 1.54
C SER A 96 -0.64 -0.60 1.89
N ALA A 97 0.24 -1.03 2.80
CA ALA A 97 1.35 -0.23 3.25
C ALA A 97 2.57 -1.12 3.48
N ILE A 98 3.75 -0.51 3.48
CA ILE A 98 5.00 -1.22 3.69
C ILE A 98 5.98 -0.27 4.37
N LYS A 99 6.73 -0.80 5.33
CA LYS A 99 7.73 0.00 6.04
C LYS A 99 8.96 -0.85 6.33
N SER A 100 10.13 -0.26 6.09
CA SER A 100 11.41 -0.90 6.44
C SER A 100 11.93 -0.23 7.71
N PRO A 101 11.75 -0.82 8.89
CA PRO A 101 12.07 -0.12 10.14
C PRO A 101 13.56 -0.01 10.44
N CYS A 102 14.41 -0.71 9.71
CA CYS A 102 15.84 -0.75 9.99
C CYS A 102 16.60 -0.12 8.83
N GLN A 103 17.17 1.06 9.07
CA GLN A 103 17.99 1.73 8.06
C GLN A 103 19.35 1.06 7.90
N ARG A 104 19.87 0.47 8.98
CA ARG A 104 21.16 -0.19 8.94
C ARG A 104 21.21 -1.24 10.05
N GLU A 105 22.11 -2.20 9.90
CA GLU A 105 22.25 -3.28 10.87
C GLU A 105 22.69 -2.71 12.23
N THR A 106 22.19 -3.33 13.30
CA THR A 106 22.56 -2.91 14.64
C THR A 106 24.01 -3.27 14.92
N PRO A 107 24.88 -2.29 15.15
CA PRO A 107 26.30 -2.61 15.37
C PRO A 107 26.51 -3.38 16.66
N GLU A 108 27.33 -4.43 16.58
CA GLU A 108 27.68 -5.21 17.77
C GLU A 108 28.48 -4.35 18.75
N GLY A 109 28.40 -4.73 20.03
CA GLY A 109 29.00 -3.96 21.09
C GLY A 109 28.09 -2.91 21.69
N ALA A 110 27.26 -2.28 20.87
CA ALA A 110 26.24 -1.36 21.35
C ALA A 110 24.96 -2.13 21.68
N GLU A 111 24.20 -1.60 22.63
CA GLU A 111 22.98 -2.26 23.05
C GLU A 111 21.96 -2.28 21.91
N ALA A 112 21.43 -3.47 21.62
CA ALA A 112 20.40 -3.61 20.60
C ALA A 112 19.10 -2.99 21.11
N LYS A 113 18.93 -1.69 20.88
CA LYS A 113 17.81 -0.99 21.47
C LYS A 113 16.49 -1.44 20.84
N PRO A 114 15.38 -1.33 21.57
CA PRO A 114 14.08 -1.70 20.99
C PRO A 114 13.48 -0.55 20.19
N TRP A 115 12.79 -0.92 19.11
CA TRP A 115 12.12 0.02 18.24
C TRP A 115 10.65 -0.34 18.09
N TYR A 116 9.84 0.68 17.84
CA TYR A 116 8.40 0.52 17.68
C TYR A 116 7.95 1.27 16.45
N GLU A 117 7.30 0.57 15.52
CA GLU A 117 6.86 1.14 14.25
C GLU A 117 5.38 0.87 14.06
N PRO A 118 4.51 1.84 14.31
CA PRO A 118 3.09 1.66 14.02
C PRO A 118 2.78 1.91 12.55
N ILE A 119 1.88 1.10 12.00
CA ILE A 119 1.41 1.23 10.63
C ILE A 119 -0.07 1.55 10.67
N TYR A 120 -0.42 2.77 10.27
CA TYR A 120 -1.82 3.17 10.15
C TYR A 120 -2.28 2.96 8.72
N LEU A 121 -3.50 2.47 8.55
CA LEU A 121 -3.99 2.13 7.23
C LEU A 121 -5.51 2.28 7.22
N GLY A 122 -6.01 3.23 6.44
CA GLY A 122 -7.43 3.51 6.43
C GLY A 122 -7.80 4.40 5.27
N GLY A 123 -9.11 4.53 5.05
CA GLY A 123 -9.61 5.32 3.95
C GLY A 123 -11.09 5.09 3.76
N VAL A 124 -11.62 5.77 2.75
CA VAL A 124 -13.05 5.73 2.42
C VAL A 124 -13.22 4.95 1.13
N PHE A 125 -14.11 3.96 1.14
CA PHE A 125 -14.29 3.08 0.00
C PHE A 125 -15.77 2.73 -0.18
N GLN A 126 -16.14 2.45 -1.42
CA GLN A 126 -17.48 2.00 -1.76
C GLN A 126 -17.55 0.49 -1.60
N LEU A 127 -18.42 0.02 -0.71
CA LEU A 127 -18.57 -1.41 -0.43
C LEU A 127 -19.95 -1.87 -0.84
N GLU A 128 -20.06 -3.15 -1.16
CA GLU A 128 -21.31 -3.79 -1.56
C GLU A 128 -21.80 -4.70 -0.46
N LYS A 129 -23.07 -5.08 -0.56
CA LYS A 129 -23.66 -6.00 0.42
C LYS A 129 -22.95 -7.35 0.36
N GLY A 130 -22.79 -7.97 1.53
CA GLY A 130 -22.17 -9.28 1.60
C GLY A 130 -20.68 -9.28 1.40
N ASP A 131 -20.04 -8.12 1.35
CA ASP A 131 -18.59 -8.06 1.21
C ASP A 131 -17.91 -8.55 2.48
N ARG A 132 -16.80 -9.26 2.30
CA ARG A 132 -15.99 -9.77 3.41
C ARG A 132 -14.66 -9.01 3.41
N LEU A 133 -14.48 -8.15 4.40
CA LEU A 133 -13.27 -7.33 4.53
C LEU A 133 -12.21 -8.05 5.33
N SER A 134 -10.97 -7.98 4.85
CA SER A 134 -9.84 -8.65 5.46
C SER A 134 -8.74 -7.64 5.76
N ALA A 135 -7.94 -7.93 6.79
CA ALA A 135 -6.80 -7.10 7.16
C ALA A 135 -5.63 -8.03 7.50
N GLU A 136 -4.67 -8.12 6.58
CA GLU A 136 -3.60 -9.11 6.67
C GLU A 136 -2.24 -8.44 6.72
N ILE A 137 -1.37 -8.97 7.58
CA ILE A 137 0.03 -8.56 7.65
C ILE A 137 0.89 -9.72 7.18
N ASN A 138 2.15 -9.42 6.89
CA ASN A 138 3.05 -10.42 6.31
C ASN A 138 3.86 -11.18 7.36
N ARG A 139 4.36 -10.49 8.38
CA ARG A 139 5.23 -11.09 9.39
CA ARG A 139 5.23 -11.09 9.39
C ARG A 139 4.64 -10.88 10.76
N PRO A 140 3.84 -11.83 11.27
CA PRO A 140 3.32 -11.70 12.64
C PRO A 140 4.37 -11.91 13.72
N ASP A 141 5.61 -12.22 13.33
CA ASP A 141 6.69 -12.35 14.31
C ASP A 141 6.96 -11.02 15.01
N TYR A 142 6.62 -9.90 14.36
CA TYR A 142 6.94 -8.57 14.88
C TYR A 142 5.72 -7.85 15.47
N LEU A 143 4.62 -8.55 15.67
CA LEU A 143 3.44 -7.93 16.25
C LEU A 143 3.68 -7.55 17.70
N ASP A 144 2.80 -6.68 18.22
CA ASP A 144 2.84 -6.22 19.60
C ASP A 144 1.48 -6.49 20.23
N PHE A 145 1.39 -7.59 20.99
CA PHE A 145 0.18 -7.93 21.73
C PHE A 145 0.25 -7.52 23.19
N ALA A 146 1.30 -6.81 23.58
CA ALA A 146 1.62 -6.63 25.00
C ALA A 146 0.47 -6.00 25.77
N GLU A 147 -0.19 -5.00 25.19
CA GLU A 147 -1.28 -4.30 25.85
C GLU A 147 -2.42 -4.10 24.88
N SER A 148 -3.60 -3.80 25.43
CA SER A 148 -4.78 -3.62 24.60
C SER A 148 -4.73 -2.29 23.87
N GLY A 149 -5.36 -2.25 22.70
CA GLY A 149 -5.50 -1.05 21.91
C GLY A 149 -4.39 -0.78 20.90
N GLN A 150 -3.49 -1.73 20.67
CA GLN A 150 -2.39 -1.51 19.74
C GLN A 150 -2.63 -2.12 18.37
N VAL A 151 -3.53 -3.09 18.24
CA VAL A 151 -3.87 -3.70 16.96
C VAL A 151 -5.38 -3.77 16.88
N TYR A 152 -5.98 -2.96 16.00
CA TYR A 152 -7.43 -2.90 15.86
C TYR A 152 -7.82 -2.76 14.40
N PHE A 153 -9.11 -3.01 14.13
CA PHE A 153 -9.65 -3.06 12.78
C PHE A 153 -11.13 -2.73 12.86
N GLY A 154 -11.57 -1.73 12.10
CA GLY A 154 -12.95 -1.30 12.19
C GLY A 154 -13.42 -0.60 10.93
N ILE A 155 -14.75 -0.52 10.79
CA ILE A 155 -15.39 0.17 9.68
C ILE A 155 -16.55 1.00 10.21
N ILE A 156 -16.79 2.13 9.55
CA ILE A 156 -17.88 3.05 9.89
C ILE A 156 -18.56 3.46 8.59
N ALA A 157 -19.85 3.15 8.46
CA ALA A 157 -20.61 3.61 7.30
C ALA A 157 -20.74 5.12 7.31
N LEU A 158 -20.89 5.70 6.12
CA LEU A 158 -21.04 7.15 6.00
C LEU A 158 -22.51 7.58 6.02
N ARG B 7 -34.82 23.21 10.97
CA ARG B 7 -33.82 24.02 11.65
C ARG B 7 -33.76 23.69 13.15
N THR B 8 -34.06 22.44 13.48
CA THR B 8 -34.02 22.01 14.88
C THR B 8 -32.59 21.68 15.28
N PRO B 9 -32.09 22.19 16.40
CA PRO B 9 -30.72 21.91 16.80
C PRO B 9 -30.52 20.44 17.15
N SER B 10 -29.28 19.98 16.98
CA SER B 10 -28.94 18.60 17.27
C SER B 10 -28.74 18.40 18.77
N ASP B 11 -29.06 17.20 19.24
CA ASP B 11 -28.91 16.85 20.65
C ASP B 11 -27.81 15.82 20.88
N LYS B 12 -27.00 15.53 19.88
CA LYS B 12 -25.95 14.53 20.02
C LYS B 12 -24.87 15.04 20.97
N PRO B 13 -24.55 14.32 22.04
CA PRO B 13 -23.45 14.74 22.92
C PRO B 13 -22.10 14.70 22.22
N VAL B 14 -21.53 15.87 21.92
CA VAL B 14 -20.24 15.97 21.26
C VAL B 14 -19.29 16.82 22.10
N ALA B 15 -18.00 16.66 21.81
CA ALA B 15 -16.96 17.41 22.51
C ALA B 15 -15.71 17.46 21.64
N HIS B 16 -15.02 18.60 21.68
CA HIS B 16 -13.75 18.78 20.97
C HIS B 16 -12.94 19.80 21.76
N VAL B 17 -11.88 19.33 22.41
CA VAL B 17 -11.06 20.17 23.29
C VAL B 17 -9.66 20.24 22.73
N VAL B 18 -9.04 21.40 22.86
CA VAL B 18 -7.71 21.66 22.33
C VAL B 18 -6.72 21.76 23.48
N ALA B 19 -5.45 21.61 23.15
CA ALA B 19 -4.42 21.63 24.17
C ALA B 19 -4.13 23.06 24.63
N ASN B 20 -3.52 23.15 25.80
CA ASN B 20 -3.15 24.44 26.38
C ASN B 20 -1.71 24.75 26.01
N PRO B 21 -1.45 25.68 25.07
CA PRO B 21 -0.06 26.03 24.77
C PRO B 21 0.64 26.73 25.91
N GLN B 22 -0.11 27.34 26.83
CA GLN B 22 0.47 28.07 27.94
C GLN B 22 0.87 27.19 29.11
N ALA B 23 0.69 25.87 29.00
CA ALA B 23 0.96 24.93 30.09
C ALA B 23 2.00 23.92 29.63
N GLU B 24 3.24 24.38 29.47
CA GLU B 24 4.30 23.47 29.05
C GLU B 24 4.58 22.43 30.14
N GLY B 25 5.09 21.28 29.72
CA GLY B 25 5.35 20.19 30.64
C GLY B 25 4.15 19.31 30.94
N GLN B 26 3.01 19.56 30.31
CA GLN B 26 1.82 18.75 30.52
C GLN B 26 0.84 19.02 29.38
N LEU B 27 -0.07 18.07 29.17
CA LEU B 27 -1.09 18.16 28.13
C LEU B 27 -2.42 18.43 28.82
N GLN B 28 -2.80 19.70 28.91
CA GLN B 28 -3.99 20.14 29.61
C GLN B 28 -5.05 20.53 28.59
N TRP B 29 -6.17 19.81 28.59
CA TRP B 29 -7.21 20.02 27.60
C TRP B 29 -8.07 21.21 27.99
N LEU B 30 -8.26 22.12 27.04
CA LEU B 30 -9.06 23.32 27.23
C LEU B 30 -10.25 23.30 26.29
N ASN B 31 -11.35 23.90 26.74
CA ASN B 31 -12.53 24.04 25.91
C ASN B 31 -13.01 25.48 25.78
N ARG B 32 -12.43 26.41 26.55
CA ARG B 32 -12.84 27.82 26.52
C ARG B 32 -11.98 28.59 25.51
N ARG B 33 -12.01 28.12 24.27
CA ARG B 33 -11.24 28.68 23.18
C ARG B 33 -12.10 28.67 21.91
N ALA B 34 -11.68 29.46 20.92
CA ALA B 34 -12.39 29.45 19.65
C ALA B 34 -12.24 28.08 18.98
N ASN B 35 -13.33 27.61 18.38
CA ASN B 35 -13.38 26.33 17.66
C ASN B 35 -13.14 25.14 18.58
N ALA B 36 -13.26 25.32 19.89
CA ALA B 36 -13.34 24.25 20.86
C ALA B 36 -14.79 24.10 21.33
N LEU B 37 -15.17 22.88 21.70
CA LEU B 37 -16.59 22.58 21.88
C LEU B 37 -16.85 21.65 23.05
N LEU B 38 -17.89 21.99 23.83
CA LEU B 38 -18.57 21.06 24.72
C LEU B 38 -20.07 21.31 24.54
N ALA B 39 -20.81 20.26 24.17
CA ALA B 39 -22.20 20.47 23.81
C ALA B 39 -23.04 19.27 24.24
N ASN B 40 -24.29 19.58 24.63
CA ASN B 40 -25.33 18.57 24.85
C ASN B 40 -24.91 17.53 25.90
N GLY B 41 -24.33 17.99 27.01
CA GLY B 41 -24.15 17.17 28.18
C GLY B 41 -22.71 16.77 28.48
N VAL B 42 -21.81 16.83 27.50
CA VAL B 42 -20.44 16.40 27.74
C VAL B 42 -19.72 17.43 28.61
N GLU B 43 -18.89 16.94 29.53
CA GLU B 43 -18.17 17.79 30.48
C GLU B 43 -16.68 17.46 30.43
N LEU B 44 -15.90 18.31 31.11
CA LEU B 44 -14.45 18.15 31.20
C LEU B 44 -14.06 18.28 32.68
N ARG B 45 -13.85 17.14 33.33
CA ARG B 45 -13.51 17.10 34.75
C ARG B 45 -12.22 16.31 34.93
N ASP B 46 -11.30 16.86 35.72
CA ASP B 46 -9.98 16.24 35.96
C ASP B 46 -9.26 15.94 34.66
N ASN B 47 -9.33 16.88 33.71
CA ASN B 47 -8.69 16.74 32.40
C ASN B 47 -9.20 15.50 31.65
N GLN B 48 -10.47 15.19 31.86
CA GLN B 48 -11.08 14.00 31.26
C GLN B 48 -12.46 14.37 30.74
N LEU B 49 -12.90 13.68 29.69
CA LEU B 49 -14.21 13.89 29.11
C LEU B 49 -15.21 12.90 29.73
N VAL B 50 -16.37 13.41 30.14
CA VAL B 50 -17.39 12.62 30.81
C VAL B 50 -18.56 12.43 29.86
N VAL B 51 -19.06 11.19 29.79
CA VAL B 51 -20.15 10.84 28.88
C VAL B 51 -21.49 11.13 29.56
N PRO B 52 -22.38 11.89 28.91
CA PRO B 52 -23.68 12.21 29.53
C PRO B 52 -24.81 11.24 29.25
N SER B 53 -24.67 10.36 28.27
CA SER B 53 -25.73 9.41 27.94
C SER B 53 -25.14 8.25 27.14
N GLU B 54 -25.72 7.07 27.34
CA GLU B 54 -25.24 5.84 26.69
C GLU B 54 -25.52 5.86 25.20
N GLY B 55 -24.64 5.23 24.43
CA GLY B 55 -24.85 5.09 22.99
C GLY B 55 -23.56 4.69 22.29
N LEU B 56 -23.56 4.88 20.97
CA LEU B 56 -22.39 4.70 20.13
C LEU B 56 -21.67 6.03 19.98
N TYR B 57 -20.36 6.02 20.17
CA TYR B 57 -19.57 7.23 20.10
C TYR B 57 -18.37 7.04 19.18
N LEU B 58 -18.02 8.10 18.46
CA LEU B 58 -16.70 8.24 17.85
C LEU B 58 -15.79 8.91 18.85
N ILE B 59 -14.59 8.37 19.03
CA ILE B 59 -13.60 8.93 19.96
C ILE B 59 -12.31 9.16 19.18
N TYR B 60 -11.77 10.37 19.28
CA TYR B 60 -10.61 10.74 18.48
C TYR B 60 -9.71 11.67 19.27
N SER B 61 -8.43 11.65 18.91
CA SER B 61 -7.43 12.51 19.53
C SER B 61 -6.20 12.54 18.64
N GLN B 62 -5.71 13.74 18.35
CA GLN B 62 -4.50 13.92 17.56
C GLN B 62 -3.44 14.66 18.38
N VAL B 63 -2.21 14.17 18.31
CA VAL B 63 -1.06 14.86 18.88
C VAL B 63 -0.01 15.03 17.80
N LEU B 64 0.81 16.06 17.95
CA LEU B 64 1.89 16.37 17.01
C LEU B 64 3.20 16.47 17.78
N PHE B 65 4.08 15.49 17.59
CA PHE B 65 5.40 15.48 18.21
C PHE B 65 6.43 16.11 17.29
N LYS B 66 7.34 16.88 17.87
CA LYS B 66 8.41 17.54 17.12
C LYS B 66 9.70 17.49 17.90
N GLY B 67 10.81 17.62 17.18
CA GLY B 67 12.12 17.69 17.78
C GLY B 67 13.17 18.22 16.82
N GLN B 68 14.20 18.88 17.36
CA GLN B 68 15.29 19.44 16.56
C GLN B 68 16.42 18.42 16.53
N GLY B 69 16.41 17.56 15.50
CA GLY B 69 17.43 16.55 15.33
C GLY B 69 17.18 15.32 16.18
N CYS B 70 17.99 14.29 15.93
CA CYS B 70 17.88 13.04 16.66
C CYS B 70 18.90 12.99 17.79
N PRO B 71 18.47 12.77 19.02
CA PRO B 71 19.40 12.78 20.16
C PRO B 71 20.21 11.50 20.21
N SER B 72 21.14 11.47 21.17
CA SER B 72 21.98 10.29 21.37
C SER B 72 21.22 9.20 22.12
N THR B 73 20.64 9.55 23.27
CA THR B 73 19.82 8.60 24.01
C THR B 73 18.49 8.38 23.28
N HIS B 74 18.03 7.13 23.31
CA HIS B 74 16.80 6.78 22.61
C HIS B 74 15.61 7.55 23.18
N VAL B 75 14.65 7.85 22.30
CA VAL B 75 13.44 8.56 22.66
C VAL B 75 12.25 7.72 22.22
N LEU B 76 11.30 7.52 23.13
CA LEU B 76 10.09 6.74 22.84
C LEU B 76 8.87 7.60 23.11
N LEU B 77 7.95 7.63 22.16
CA LEU B 77 6.75 8.44 22.23
C LEU B 77 5.53 7.54 22.37
N THR B 78 4.59 7.96 23.22
CA THR B 78 3.36 7.22 23.44
C THR B 78 2.16 8.15 23.36
N HIS B 79 1.06 7.65 22.79
CA HIS B 79 -0.22 8.34 22.76
C HIS B 79 -1.30 7.30 23.04
N THR B 80 -2.02 7.48 24.14
CA THR B 80 -2.98 6.47 24.60
C THR B 80 -4.28 7.14 24.99
N ILE B 81 -5.39 6.66 24.39
CA ILE B 81 -6.74 7.02 24.82
C ILE B 81 -7.24 5.91 25.73
N SER B 82 -7.75 6.29 26.89
CA SER B 82 -8.12 5.32 27.92
C SER B 82 -9.57 5.50 28.33
N ARG B 83 -10.12 4.46 28.95
CA ARG B 83 -11.50 4.46 29.41
C ARG B 83 -11.56 4.01 30.86
N ILE B 84 -12.34 4.73 31.67
CA ILE B 84 -12.67 4.33 33.03
C ILE B 84 -14.20 4.27 33.10
N ALA B 85 -14.75 3.06 33.00
CA ALA B 85 -16.19 2.87 32.88
C ALA B 85 -16.83 2.60 34.23
N VAL B 86 -18.11 2.98 34.35
CA VAL B 86 -18.90 2.57 35.50
C VAL B 86 -18.96 1.06 35.56
N SER B 87 -19.00 0.40 34.40
CA SER B 87 -19.02 -1.06 34.36
C SER B 87 -17.71 -1.66 34.87
N TYR B 88 -16.60 -0.94 34.72
CA TYR B 88 -15.29 -1.47 35.08
C TYR B 88 -14.40 -0.27 35.45
N GLN B 89 -14.42 0.07 36.74
CA GLN B 89 -13.78 1.30 37.25
C GLN B 89 -12.27 1.11 37.37
N THR B 90 -11.64 0.94 36.21
CA THR B 90 -10.20 0.83 36.10
C THR B 90 -9.79 1.40 34.75
N LYS B 91 -8.66 2.09 34.71
CA LYS B 91 -8.15 2.65 33.47
C LYS B 91 -7.81 1.53 32.50
N VAL B 92 -8.44 1.55 31.33
CA VAL B 92 -8.25 0.52 30.31
C VAL B 92 -7.93 1.18 28.98
N ASN B 93 -6.91 0.67 28.29
CA ASN B 93 -6.48 1.25 27.03
C ASN B 93 -7.50 0.97 25.92
N LEU B 94 -7.97 2.04 25.28
CA LEU B 94 -8.79 1.91 24.07
C LEU B 94 -7.92 1.92 22.83
N LEU B 95 -7.17 3.00 22.62
CA LEU B 95 -6.28 3.16 21.49
C LEU B 95 -4.92 3.57 22.02
N SER B 96 -3.86 2.93 21.54
CA SER B 96 -2.52 3.20 22.03
C SER B 96 -1.52 3.05 20.88
N ALA B 97 -0.48 3.87 20.92
CA ALA B 97 0.57 3.87 19.91
C ALA B 97 1.90 4.18 20.56
N ILE B 98 2.95 3.51 20.08
CA ILE B 98 4.32 3.70 20.55
C ILE B 98 5.19 3.95 19.33
N LYS B 99 5.91 5.07 19.32
CA LYS B 99 6.68 5.48 18.17
C LYS B 99 8.10 5.82 18.58
N SER B 100 9.08 5.18 17.93
CA SER B 100 10.47 5.59 18.05
C SER B 100 10.84 6.40 16.82
N PRO B 101 11.05 7.71 16.92
CA PRO B 101 11.26 8.55 15.74
C PRO B 101 12.69 8.60 15.22
N CYS B 102 13.63 7.96 15.89
CA CYS B 102 15.04 8.00 15.48
C CYS B 102 15.67 6.62 15.53
N ALA B 112 20.25 17.33 12.95
CA ALA B 112 20.41 18.77 12.86
C ALA B 112 19.14 19.43 12.31
N LYS B 113 18.34 18.64 11.56
CA LYS B 113 17.10 19.06 10.91
C LYS B 113 15.89 18.64 11.74
N PRO B 114 14.84 19.45 11.79
CA PRO B 114 13.69 19.11 12.62
C PRO B 114 12.85 17.99 12.02
N TRP B 115 12.24 17.21 12.91
CA TRP B 115 11.35 16.12 12.53
C TRP B 115 9.97 16.33 13.15
N TYR B 116 8.96 15.79 12.48
CA TYR B 116 7.58 15.92 12.91
C TYR B 116 6.88 14.58 12.82
N GLU B 117 6.22 14.18 13.91
CA GLU B 117 5.52 12.89 13.97
C GLU B 117 4.10 13.12 14.48
N PRO B 118 3.11 13.16 13.60
CA PRO B 118 1.72 13.24 14.05
C PRO B 118 1.15 11.85 14.31
N ILE B 119 0.27 11.80 15.30
CA ILE B 119 -0.43 10.57 15.66
C ILE B 119 -1.91 10.91 15.78
N TYR B 120 -2.73 10.34 14.90
CA TYR B 120 -4.17 10.46 14.96
C TYR B 120 -4.74 9.09 15.32
N LEU B 121 -5.58 9.06 16.36
CA LEU B 121 -6.17 7.82 16.86
C LEU B 121 -7.67 8.00 16.93
N GLY B 122 -8.40 7.17 16.20
CA GLY B 122 -9.85 7.26 16.19
C GLY B 122 -10.48 5.88 16.10
N GLY B 123 -11.67 5.78 16.66
CA GLY B 123 -12.44 4.54 16.59
C GLY B 123 -13.83 4.77 17.10
N VAL B 124 -14.69 3.78 16.86
CA VAL B 124 -16.08 3.81 17.29
C VAL B 124 -16.24 2.86 18.47
N PHE B 125 -16.85 3.35 19.54
CA PHE B 125 -16.93 2.60 20.80
C PHE B 125 -18.32 2.74 21.40
N GLN B 126 -18.69 1.73 22.20
CA GLN B 126 -19.92 1.76 22.98
C GLN B 126 -19.61 2.32 24.35
N LEU B 127 -20.37 3.33 24.77
CA LEU B 127 -20.10 4.02 26.02
C LEU B 127 -21.37 4.13 26.86
N GLU B 128 -21.20 4.14 28.17
CA GLU B 128 -22.29 4.27 29.11
C GLU B 128 -22.22 5.62 29.81
N LYS B 129 -23.30 5.99 30.47
CA LYS B 129 -23.33 7.26 31.18
C LYS B 129 -22.41 7.20 32.40
N GLY B 130 -21.55 8.20 32.53
CA GLY B 130 -20.62 8.27 33.64
C GLY B 130 -19.20 7.87 33.32
N ASP B 131 -18.92 7.41 32.10
CA ASP B 131 -17.57 7.05 31.71
C ASP B 131 -16.67 8.27 31.63
N ARG B 132 -15.38 8.05 31.89
CA ARG B 132 -14.37 9.10 31.80
C ARG B 132 -13.30 8.67 30.80
N LEU B 133 -13.00 9.56 29.85
CA LEU B 133 -12.04 9.30 28.78
C LEU B 133 -10.89 10.27 28.88
N SER B 134 -9.68 9.79 28.59
CA SER B 134 -8.48 10.61 28.71
C SER B 134 -7.52 10.30 27.57
N ALA B 135 -6.97 11.36 26.97
CA ALA B 135 -5.90 11.25 26.00
C ALA B 135 -4.61 11.72 26.65
N GLU B 136 -3.58 10.87 26.62
CA GLU B 136 -2.38 11.11 27.40
C GLU B 136 -1.15 10.81 26.55
N ILE B 137 -0.01 11.31 27.00
CA ILE B 137 1.29 11.06 26.38
C ILE B 137 2.32 10.87 27.49
N ASN B 138 3.54 10.50 27.07
CA ASN B 138 4.63 10.30 28.02
C ASN B 138 5.70 11.37 27.95
N ARG B 139 5.68 12.24 26.93
CA ARG B 139 6.70 13.27 26.74
C ARG B 139 6.04 14.56 26.30
N PRO B 140 5.55 15.38 27.25
CA PRO B 140 5.02 16.70 26.88
C PRO B 140 6.09 17.67 26.42
N ASP B 141 7.36 17.35 26.65
CA ASP B 141 8.48 18.17 26.19
C ASP B 141 8.72 18.03 24.73
N TYR B 142 7.83 17.30 24.05
CA TYR B 142 7.89 17.11 22.61
C TYR B 142 6.61 17.54 21.89
N LEU B 143 5.65 18.13 22.59
CA LEU B 143 4.43 18.57 21.94
C LEU B 143 4.64 19.86 21.17
N ASP B 144 3.83 20.04 20.12
CA ASP B 144 3.89 21.20 19.24
C ASP B 144 2.70 22.10 19.54
N PHE B 145 2.91 23.08 20.42
CA PHE B 145 1.89 24.06 20.76
C PHE B 145 1.96 25.32 19.91
N ALA B 146 2.79 25.32 18.85
CA ALA B 146 3.05 26.54 18.11
C ALA B 146 1.78 27.15 17.53
N GLU B 147 1.00 26.34 16.81
CA GLU B 147 -0.21 26.81 16.17
C GLU B 147 -1.41 26.01 16.66
N SER B 148 -2.60 26.58 16.44
CA SER B 148 -3.83 25.89 16.77
C SER B 148 -4.14 24.81 15.74
N GLY B 149 -4.95 23.84 16.17
CA GLY B 149 -5.37 22.76 15.30
C GLY B 149 -4.42 21.58 15.22
N GLN B 150 -3.38 21.55 16.06
CA GLN B 150 -2.38 20.49 15.99
C GLN B 150 -2.56 19.42 17.07
N VAL B 151 -3.11 19.76 18.22
CA VAL B 151 -3.36 18.80 19.28
C VAL B 151 -4.81 18.96 19.72
N TYR B 152 -5.59 17.89 19.59
CA TYR B 152 -6.99 17.95 19.99
C TYR B 152 -7.44 16.59 20.50
N PHE B 153 -8.66 16.58 21.04
CA PHE B 153 -9.23 15.43 21.72
C PHE B 153 -10.74 15.64 21.72
N GLY B 154 -11.49 14.61 21.33
CA GLY B 154 -12.93 14.80 21.23
C GLY B 154 -13.68 13.50 21.10
N ILE B 155 -14.99 13.59 21.30
CA ILE B 155 -15.91 12.48 21.09
C ILE B 155 -17.12 12.98 20.32
N ILE B 156 -17.70 12.11 19.50
CA ILE B 156 -18.89 12.40 18.72
C ILE B 156 -19.88 11.26 18.93
N ALA B 157 -21.12 11.60 19.23
CA ALA B 157 -22.18 10.61 19.36
C ALA B 157 -22.80 10.29 18.00
N LEU B 158 -23.26 9.06 17.85
CA LEU B 158 -23.85 8.63 16.60
C LEU B 158 -25.38 8.62 16.69
N SER C 10 -32.01 11.01 4.46
CA SER C 10 -31.52 11.88 5.52
C SER C 10 -31.31 13.31 5.01
N ASP C 11 -32.01 14.26 5.63
CA ASP C 11 -31.98 15.65 5.21
C ASP C 11 -30.77 16.43 5.76
N LYS C 12 -29.88 15.78 6.50
CA LYS C 12 -28.70 16.45 7.02
C LYS C 12 -27.77 16.82 5.87
N PRO C 13 -27.27 18.07 5.82
CA PRO C 13 -26.31 18.43 4.77
C PRO C 13 -25.01 17.67 4.91
N VAL C 14 -24.47 17.22 3.78
CA VAL C 14 -23.29 16.37 3.77
C VAL C 14 -22.53 16.58 2.47
N ALA C 15 -21.20 16.50 2.55
CA ALA C 15 -20.35 16.59 1.36
C ALA C 15 -19.18 15.63 1.52
N HIS C 16 -18.74 15.08 0.38
CA HIS C 16 -17.53 14.25 0.34
C HIS C 16 -16.92 14.47 -1.05
N VAL C 17 -15.86 15.26 -1.10
CA VAL C 17 -15.23 15.65 -2.36
C VAL C 17 -13.83 15.05 -2.42
N VAL C 18 -13.39 14.73 -3.63
CA VAL C 18 -12.08 14.14 -3.86
C VAL C 18 -11.23 15.10 -4.69
N ALA C 19 -10.00 14.72 -4.99
CA ALA C 19 -9.14 15.57 -5.78
C ALA C 19 -9.52 15.51 -7.26
N ASN C 20 -9.01 16.47 -8.02
CA ASN C 20 -9.29 16.55 -9.45
C ASN C 20 -8.07 16.07 -10.21
N PRO C 21 -8.08 14.85 -10.75
CA PRO C 21 -6.88 14.37 -11.47
C PRO C 21 -6.54 15.20 -12.69
N GLN C 22 -7.52 15.84 -13.32
CA GLN C 22 -7.24 16.66 -14.49
C GLN C 22 -6.47 17.92 -14.10
N ALA C 23 -6.78 18.50 -12.95
CA ALA C 23 -6.15 19.76 -12.52
C ALA C 23 -4.88 19.47 -11.73
N GLU C 24 -3.90 18.91 -12.44
CA GLU C 24 -2.60 18.62 -11.83
C GLU C 24 -1.87 19.91 -11.48
N GLY C 25 -0.95 19.80 -10.53
CA GLY C 25 -0.21 20.96 -10.06
C GLY C 25 -0.86 21.69 -8.90
N GLN C 26 -1.97 21.19 -8.37
CA GLN C 26 -2.65 21.79 -7.23
C GLN C 26 -3.65 20.78 -6.68
N LEU C 27 -4.29 21.15 -5.57
CA LEU C 27 -5.28 20.31 -4.91
C LEU C 27 -6.64 20.99 -5.07
N GLN C 28 -7.31 20.68 -6.17
CA GLN C 28 -8.61 21.26 -6.51
C GLN C 28 -9.70 20.23 -6.24
N TRP C 29 -10.61 20.57 -5.33
CA TRP C 29 -11.64 19.63 -4.93
C TRP C 29 -12.72 19.50 -6.00
N LEU C 30 -13.23 18.28 -6.15
CA LEU C 30 -14.22 17.94 -7.16
C LEU C 30 -15.37 17.19 -6.49
N ASN C 31 -16.59 17.71 -6.64
CA ASN C 31 -17.73 17.18 -5.92
C ASN C 31 -18.40 16.02 -6.62
N ARG C 32 -18.39 15.99 -7.95
CA ARG C 32 -19.11 14.95 -8.68
C ARG C 32 -18.37 13.62 -8.65
N ARG C 33 -17.09 13.62 -9.01
CA ARG C 33 -16.31 12.39 -9.14
C ARG C 33 -16.16 11.65 -7.81
N LEU C 37 -20.41 12.71 -2.92
CA LEU C 37 -21.68 13.38 -2.63
C LEU C 37 -21.46 14.83 -2.22
N LEU C 38 -22.33 15.72 -2.74
CA LEU C 38 -22.37 17.14 -2.37
C LEU C 38 -23.83 17.56 -2.48
N ALA C 39 -24.61 17.23 -1.44
CA ALA C 39 -26.06 17.35 -1.48
C ALA C 39 -26.58 18.11 -0.28
N ASN C 40 -27.80 18.62 -0.43
CA ASN C 40 -28.58 19.22 0.65
C ASN C 40 -27.96 20.51 1.18
N GLY C 41 -27.39 21.32 0.28
CA GLY C 41 -27.04 22.69 0.56
C GLY C 41 -25.55 22.98 0.52
N VAL C 42 -24.71 21.99 0.79
CA VAL C 42 -23.27 22.24 0.87
C VAL C 42 -22.76 22.53 -0.54
N GLU C 43 -22.29 23.74 -0.75
CA GLU C 43 -21.79 24.20 -2.03
C GLU C 43 -20.27 24.19 -2.02
N LEU C 44 -19.69 23.95 -3.19
CA LEU C 44 -18.24 24.02 -3.39
C LEU C 44 -17.95 25.29 -4.18
N ARG C 45 -17.40 26.30 -3.51
CA ARG C 45 -17.17 27.62 -4.10
C ARG C 45 -15.72 28.02 -3.85
N ASP C 46 -14.97 28.24 -4.93
CA ASP C 46 -13.57 28.64 -4.86
C ASP C 46 -12.76 27.64 -4.04
N ASN C 47 -12.96 26.36 -4.33
CA ASN C 47 -12.26 25.23 -3.72
C ASN C 47 -12.58 25.08 -2.24
N GLN C 48 -13.62 25.76 -1.76
CA GLN C 48 -14.01 25.74 -0.36
C GLN C 48 -15.41 25.18 -0.22
N LEU C 49 -15.68 24.61 0.96
CA LEU C 49 -17.01 24.14 1.32
C LEU C 49 -17.74 25.24 2.10
N VAL C 50 -18.95 25.55 1.67
CA VAL C 50 -19.76 26.60 2.29
C VAL C 50 -20.85 25.93 3.13
N VAL C 51 -20.83 26.20 4.44
CA VAL C 51 -21.83 25.68 5.36
C VAL C 51 -23.20 26.28 5.03
N PRO C 52 -24.22 25.47 4.77
CA PRO C 52 -25.53 26.02 4.40
C PRO C 52 -26.39 26.46 5.58
N SER C 53 -26.14 25.89 6.76
CA SER C 53 -26.92 26.26 7.94
C SER C 53 -26.11 25.90 9.18
N GLU C 54 -26.34 26.63 10.26
CA GLU C 54 -25.55 26.42 11.46
C GLU C 54 -25.88 25.08 12.09
N GLY C 55 -25.05 24.68 13.05
CA GLY C 55 -25.21 23.43 13.76
C GLY C 55 -23.89 22.70 13.87
N LEU C 56 -23.95 21.49 14.45
CA LEU C 56 -22.77 20.68 14.63
C LEU C 56 -22.41 19.95 13.34
N TYR C 57 -21.12 19.95 13.02
CA TYR C 57 -20.61 19.27 11.84
C TYR C 57 -19.39 18.46 12.21
N LEU C 58 -19.21 17.35 11.50
CA LEU C 58 -18.00 16.56 11.59
C LEU C 58 -17.16 16.84 10.34
N ILE C 59 -15.96 17.36 10.54
CA ILE C 59 -15.06 17.72 9.45
C ILE C 59 -13.93 16.70 9.41
N TYR C 60 -13.71 16.12 8.24
CA TYR C 60 -12.70 15.07 8.08
C TYR C 60 -11.97 15.26 6.75
N SER C 61 -10.75 14.74 6.69
CA SER C 61 -9.97 14.77 5.46
C SER C 61 -8.80 13.81 5.60
N GLN C 62 -8.27 13.38 4.44
CA GLN C 62 -7.04 12.61 4.37
C GLN C 62 -6.36 12.92 3.05
N VAL C 63 -5.05 13.18 3.10
CA VAL C 63 -4.25 13.32 1.88
C VAL C 63 -3.13 12.30 1.95
N LEU C 64 -2.63 11.91 0.76
CA LEU C 64 -1.59 10.90 0.65
C LEU C 64 -0.42 11.48 -0.15
N PHE C 65 0.67 11.79 0.53
CA PHE C 65 1.88 12.21 -0.14
C PHE C 65 2.74 11.01 -0.51
N LYS C 66 3.47 11.13 -1.61
CA LYS C 66 4.41 10.10 -2.00
C LYS C 66 5.54 10.72 -2.80
N GLY C 67 6.70 10.07 -2.75
CA GLY C 67 7.85 10.54 -3.48
C GLY C 67 8.65 9.41 -4.10
N GLN C 68 9.79 9.75 -4.71
CA GLN C 68 10.66 8.76 -5.33
C GLN C 68 12.08 9.13 -4.95
N GLY C 69 12.55 8.57 -3.83
CA GLY C 69 13.83 8.92 -3.29
C GLY C 69 13.79 10.24 -2.53
N CYS C 70 14.78 10.40 -1.65
CA CYS C 70 14.88 11.59 -0.81
C CYS C 70 15.88 12.56 -1.42
N PRO C 71 15.46 13.78 -1.74
CA PRO C 71 16.38 14.73 -2.38
C PRO C 71 17.40 15.30 -1.41
N SER C 72 18.22 16.25 -1.89
CA SER C 72 19.24 16.86 -1.04
C SER C 72 18.60 17.75 0.02
N THR C 73 17.67 18.59 -0.38
CA THR C 73 16.99 19.48 0.57
C THR C 73 16.02 18.70 1.43
N HIS C 74 15.71 19.26 2.59
CA HIS C 74 14.76 18.65 3.51
C HIS C 74 13.34 18.81 2.99
N VAL C 75 12.47 17.89 3.37
CA VAL C 75 11.09 17.86 2.89
C VAL C 75 10.16 17.97 4.10
N LEU C 76 9.25 18.93 4.05
CA LEU C 76 8.21 19.09 5.06
C LEU C 76 6.85 19.11 4.38
N LEU C 77 5.92 18.33 4.92
CA LEU C 77 4.57 18.21 4.36
C LEU C 77 3.58 18.74 5.37
N THR C 78 2.70 19.63 4.92
CA THR C 78 1.67 20.18 5.79
C THR C 78 0.29 19.92 5.18
N HIS C 79 -0.65 19.53 6.04
CA HIS C 79 -2.05 19.42 5.69
C HIS C 79 -2.85 20.18 6.73
N THR C 80 -3.69 21.10 6.28
CA THR C 80 -4.40 22.00 7.17
C THR C 80 -5.81 22.25 6.68
N ILE C 81 -6.79 22.07 7.57
CA ILE C 81 -8.17 22.47 7.32
C ILE C 81 -8.40 23.79 8.03
N SER C 82 -8.83 24.80 7.29
CA SER C 82 -8.99 26.15 7.80
C SER C 82 -10.45 26.57 7.72
N ARG C 83 -10.80 27.59 8.50
CA ARG C 83 -12.18 28.07 8.59
C ARG C 83 -12.20 29.59 8.49
N ILE C 84 -13.02 30.11 7.58
CA ILE C 84 -13.32 31.54 7.49
C ILE C 84 -14.77 31.71 7.91
N ALA C 85 -14.98 32.24 9.10
CA ALA C 85 -16.31 32.36 9.69
C ALA C 85 -16.91 33.73 9.43
N VAL C 86 -18.24 33.78 9.45
CA VAL C 86 -18.91 35.07 9.44
C VAL C 86 -18.63 35.82 10.73
N SER C 87 -18.55 35.09 11.86
CA SER C 87 -18.19 35.72 13.12
C SER C 87 -16.76 36.26 13.10
N TYR C 88 -15.89 35.64 12.31
CA TYR C 88 -14.46 35.97 12.32
C TYR C 88 -13.95 35.85 10.89
N GLN C 89 -13.87 36.99 10.20
CA GLN C 89 -13.52 37.01 8.78
C GLN C 89 -12.00 36.96 8.60
N THR C 90 -11.43 35.85 9.06
CA THR C 90 -10.00 35.61 8.96
C THR C 90 -9.76 34.10 8.94
N LYS C 91 -8.90 33.65 8.03
CA LYS C 91 -8.59 32.23 7.93
C LYS C 91 -7.98 31.73 9.23
N VAL C 92 -8.61 30.74 9.84
CA VAL C 92 -8.21 30.22 11.14
C VAL C 92 -8.12 28.70 11.08
N ASN C 93 -7.07 28.15 11.69
CA ASN C 93 -6.80 26.72 11.60
C ASN C 93 -7.77 25.92 12.48
N LEU C 94 -8.34 24.86 11.92
CA LEU C 94 -9.12 23.87 12.68
C LEU C 94 -8.32 22.60 12.94
N LEU C 95 -7.69 22.06 11.90
CA LEU C 95 -6.95 20.81 11.98
C LEU C 95 -5.70 20.93 11.11
N SER C 96 -4.53 20.71 11.71
CA SER C 96 -3.26 20.87 11.00
C SER C 96 -2.26 19.81 11.46
N ALA C 97 -1.39 19.40 10.54
CA ALA C 97 -0.36 18.42 10.86
C ALA C 97 0.85 18.64 9.95
N ILE C 98 2.00 18.14 10.41
CA ILE C 98 3.27 18.29 9.71
C ILE C 98 3.98 16.94 9.72
N LYS C 99 4.65 16.61 8.62
CA LYS C 99 5.43 15.38 8.54
C LYS C 99 6.78 15.67 7.92
N SER C 100 7.76 14.84 8.28
CA SER C 100 9.12 14.93 7.76
C SER C 100 9.50 13.54 7.27
N PRO C 101 9.31 13.27 5.98
CA PRO C 101 9.49 11.89 5.48
C PRO C 101 10.91 11.50 5.17
N CYS C 102 11.85 12.45 5.10
CA CYS C 102 13.20 12.18 4.62
C CYS C 102 14.21 12.60 5.68
N GLN C 103 14.99 11.64 6.16
CA GLN C 103 16.04 11.92 7.15
C GLN C 103 17.42 11.72 6.54
N ALA C 112 16.78 6.79 -3.01
CA ALA C 112 16.62 5.84 -4.09
C ALA C 112 15.37 4.98 -3.89
N LYS C 113 14.87 4.97 -2.65
CA LYS C 113 13.66 4.20 -2.36
C LYS C 113 12.46 5.14 -2.23
N PRO C 114 11.32 4.77 -2.81
CA PRO C 114 10.13 5.63 -2.73
C PRO C 114 9.50 5.62 -1.35
N TRP C 115 8.94 6.77 -0.97
CA TRP C 115 8.32 6.95 0.33
C TRP C 115 6.87 7.38 0.18
N TYR C 116 6.08 7.07 1.20
CA TYR C 116 4.66 7.37 1.20
C TYR C 116 4.26 7.83 2.60
N GLU C 117 3.53 8.95 2.67
CA GLU C 117 3.13 9.49 3.96
C GLU C 117 1.71 10.04 3.90
N PRO C 118 0.74 9.39 4.55
CA PRO C 118 -0.59 9.98 4.69
C PRO C 118 -0.63 10.96 5.85
N ILE C 119 -1.70 11.76 5.87
CA ILE C 119 -1.99 12.68 6.98
C ILE C 119 -3.50 12.67 7.20
N TYR C 120 -3.92 12.42 8.43
CA TYR C 120 -5.33 12.31 8.77
C TYR C 120 -5.76 13.50 9.61
N LEU C 121 -6.98 13.98 9.37
CA LEU C 121 -7.57 15.08 10.13
C LEU C 121 -9.03 14.78 10.37
N GLY C 122 -9.54 15.18 11.53
CA GLY C 122 -10.94 14.99 11.82
C GLY C 122 -11.36 15.54 13.16
N GLY C 123 -12.52 16.17 13.22
CA GLY C 123 -13.05 16.65 14.47
C GLY C 123 -14.44 17.21 14.28
N VAL C 124 -15.09 17.49 15.41
CA VAL C 124 -16.43 18.06 15.43
C VAL C 124 -16.32 19.55 15.75
N PHE C 125 -17.13 20.35 15.08
CA PHE C 125 -17.09 21.80 15.19
C PHE C 125 -18.48 22.38 15.05
N GLN C 126 -18.80 23.35 15.90
CA GLN C 126 -20.03 24.13 15.77
C GLN C 126 -19.79 25.26 14.76
N LEU C 127 -20.51 25.21 13.64
CA LEU C 127 -20.34 26.17 12.57
C LEU C 127 -21.62 26.99 12.37
N GLU C 128 -21.49 28.10 11.65
CA GLU C 128 -22.61 28.96 11.31
C GLU C 128 -22.75 29.07 9.80
N LYS C 129 -23.92 29.51 9.37
CA LYS C 129 -24.22 29.59 7.94
C LYS C 129 -23.30 30.60 7.26
N GLY C 130 -22.84 30.23 6.06
CA GLY C 130 -21.96 31.08 5.30
C GLY C 130 -20.48 30.84 5.54
N ASP C 131 -20.12 30.07 6.57
CA ASP C 131 -18.72 29.77 6.83
C ASP C 131 -18.11 28.99 5.67
N ARG C 132 -16.85 29.26 5.39
CA ARG C 132 -16.10 28.59 4.33
C ARG C 132 -15.01 27.73 4.93
N LEU C 133 -14.97 26.47 4.52
CA LEU C 133 -13.98 25.51 5.01
C LEU C 133 -13.08 25.10 3.85
N SER C 134 -11.78 25.30 4.02
CA SER C 134 -10.80 24.90 3.03
C SER C 134 -9.96 23.75 3.57
N ALA C 135 -9.36 22.99 2.66
CA ALA C 135 -8.47 21.90 3.01
C ALA C 135 -7.29 21.96 2.04
N GLU C 136 -6.13 22.38 2.54
CA GLU C 136 -4.99 22.69 1.70
C GLU C 136 -3.76 21.92 2.15
N ILE C 137 -2.81 21.80 1.23
CA ILE C 137 -1.50 21.22 1.50
C ILE C 137 -0.45 22.20 1.00
N ASN C 138 0.82 21.85 1.21
CA ASN C 138 1.91 22.71 0.80
C ASN C 138 2.73 22.16 -0.36
N ARG C 139 2.59 20.87 -0.68
CA ARG C 139 3.41 20.22 -1.70
C ARG C 139 2.52 19.38 -2.61
N PRO C 140 1.82 20.01 -3.55
CA PRO C 140 1.02 19.24 -4.51
C PRO C 140 1.86 18.35 -5.41
N ASP C 141 3.13 18.68 -5.61
CA ASP C 141 4.01 17.85 -6.43
C ASP C 141 4.31 16.50 -5.78
N TYR C 142 3.99 16.32 -4.51
CA TYR C 142 4.13 15.04 -3.83
C TYR C 142 2.80 14.35 -3.58
N LEU C 143 1.69 14.96 -3.99
CA LEU C 143 0.36 14.41 -3.70
C LEU C 143 0.02 13.31 -4.69
N ASP C 144 -0.40 12.17 -4.16
CA ASP C 144 -0.94 11.07 -4.96
C ASP C 144 -2.43 11.33 -5.18
N PHE C 145 -2.70 12.36 -5.98
CA PHE C 145 -4.08 12.84 -6.16
C PHE C 145 -4.99 11.76 -6.72
N ALA C 146 -4.44 10.77 -7.44
CA ALA C 146 -5.28 9.75 -8.08
C ALA C 146 -5.91 8.81 -7.08
N GLU C 147 -5.29 8.65 -5.89
CA GLU C 147 -5.79 7.74 -4.86
C GLU C 147 -6.94 8.41 -4.12
N SER C 148 -8.11 8.44 -4.77
CA SER C 148 -9.27 9.12 -4.19
C SER C 148 -9.74 8.47 -2.90
N GLY C 149 -9.39 7.20 -2.66
CA GLY C 149 -9.67 6.59 -1.39
C GLY C 149 -8.90 7.18 -0.23
N GLN C 150 -7.81 7.90 -0.51
CA GLN C 150 -6.99 8.51 0.53
C GLN C 150 -6.71 9.98 0.25
N VAL C 151 -7.45 10.60 -0.67
CA VAL C 151 -7.34 12.04 -0.94
C VAL C 151 -8.77 12.57 -1.02
N TYR C 152 -9.33 12.99 0.11
CA TYR C 152 -10.71 13.41 0.17
C TYR C 152 -10.87 14.48 1.26
N PHE C 153 -12.08 15.03 1.34
CA PHE C 153 -12.40 16.14 2.22
C PHE C 153 -13.91 16.17 2.36
N GLY C 154 -14.42 16.21 3.58
CA GLY C 154 -15.86 16.11 3.75
C GLY C 154 -16.35 16.63 5.07
N ILE C 155 -17.66 16.91 5.11
CA ILE C 155 -18.37 17.35 6.31
C ILE C 155 -19.71 16.62 6.38
N ILE C 156 -20.22 16.49 7.59
CA ILE C 156 -21.53 15.88 7.80
C ILE C 156 -22.21 16.57 8.99
N ALA C 157 -23.43 17.03 8.77
CA ALA C 157 -24.20 17.66 9.83
C ALA C 157 -24.74 16.60 10.78
N LEU C 158 -24.52 16.80 12.07
CA LEU C 158 -24.91 15.82 13.07
C LEU C 158 -26.38 15.95 13.44
N SER D 2 -27.99 45.92 3.24
CA SER D 2 -27.85 44.70 4.03
C SER D 2 -28.89 44.66 5.15
N VAL D 3 -29.05 43.48 5.75
CA VAL D 3 -30.01 43.34 6.84
C VAL D 3 -29.56 44.10 8.08
N CYS D 4 -28.28 44.47 8.15
CA CYS D 4 -27.74 45.23 9.26
C CYS D 4 -26.73 46.23 8.74
N PRO D 5 -26.57 47.37 9.41
CA PRO D 5 -25.64 48.39 8.96
C PRO D 5 -24.19 48.03 9.25
N GLN D 6 -23.30 48.84 8.69
CA GLN D 6 -21.87 48.63 8.85
C GLN D 6 -21.46 48.66 10.32
N GLY D 7 -20.53 47.79 10.69
CA GLY D 7 -20.11 47.68 12.06
C GLY D 7 -21.05 46.92 12.97
N LYS D 8 -22.06 46.25 12.41
CA LYS D 8 -23.03 45.52 13.21
C LYS D 8 -23.32 44.17 12.57
N TYR D 9 -23.92 43.29 13.37
CA TYR D 9 -24.34 41.97 12.92
C TYR D 9 -25.82 41.78 13.23
N ILE D 10 -26.37 40.66 12.76
CA ILE D 10 -27.79 40.38 12.89
C ILE D 10 -28.02 39.50 14.12
N HIS D 11 -29.05 39.82 14.88
CA HIS D 11 -29.34 39.10 16.10
C HIS D 11 -29.77 37.68 15.78
N PRO D 12 -29.33 36.69 16.56
CA PRO D 12 -29.77 35.31 16.28
C PRO D 12 -31.25 35.09 16.50
N GLN D 13 -31.83 35.70 17.54
CA GLN D 13 -33.25 35.53 17.82
C GLN D 13 -34.10 36.40 16.90
N ASP D 14 -33.86 37.71 16.90
CA ASP D 14 -34.65 38.64 16.11
C ASP D 14 -34.03 38.81 14.73
N ASN D 15 -34.82 38.56 13.69
CA ASN D 15 -34.40 38.80 12.32
C ASN D 15 -34.60 40.25 11.88
N SER D 16 -34.97 41.14 12.82
CA SER D 16 -35.16 42.55 12.50
C SER D 16 -34.48 43.47 13.51
N ILE D 17 -33.55 42.95 14.30
CA ILE D 17 -32.80 43.74 15.28
C ILE D 17 -31.32 43.46 15.09
N CYS D 18 -30.52 44.51 15.06
CA CYS D 18 -29.09 44.41 14.83
C CYS D 18 -28.30 44.80 16.08
N CYS D 19 -27.17 44.12 16.29
CA CYS D 19 -26.29 44.36 17.42
C CYS D 19 -24.91 44.77 16.95
N THR D 20 -24.21 45.52 17.79
CA THR D 20 -22.89 46.02 17.47
C THR D 20 -21.85 44.93 17.68
N LYS D 21 -20.92 44.79 16.72
CA LYS D 21 -19.87 43.79 16.83
C LYS D 21 -18.95 44.10 18.00
N CYS D 22 -18.25 43.08 18.48
CA CYS D 22 -17.26 43.29 19.51
C CYS D 22 -15.94 43.76 18.90
N HIS D 23 -15.10 44.36 19.74
CA HIS D 23 -13.85 44.94 19.27
C HIS D 23 -12.68 43.96 19.44
N LYS D 24 -11.56 44.33 18.83
CA LYS D 24 -10.33 43.58 19.00
C LYS D 24 -9.99 43.46 20.48
N GLY D 25 -9.67 42.23 20.91
CA GLY D 25 -9.38 41.97 22.30
C GLY D 25 -10.56 41.55 23.12
N THR D 26 -11.77 41.52 22.55
CA THR D 26 -12.97 41.15 23.27
C THR D 26 -13.68 40.02 22.55
N TYR D 27 -14.53 39.30 23.29
CA TYR D 27 -15.40 38.27 22.74
C TYR D 27 -16.84 38.59 23.11
N LEU D 28 -17.77 37.85 22.51
CA LEU D 28 -19.19 38.06 22.72
C LEU D 28 -19.68 37.22 23.90
N TYR D 29 -20.13 37.89 24.97
CA TYR D 29 -20.74 37.21 26.11
C TYR D 29 -22.23 37.00 25.89
N ASN D 30 -22.94 38.04 25.47
CA ASN D 30 -24.35 37.92 25.14
C ASN D 30 -24.71 39.03 24.16
N ASP D 31 -25.62 38.72 23.24
CA ASP D 31 -26.03 39.69 22.23
C ASP D 31 -26.69 40.89 22.87
N CYS D 32 -26.77 41.98 22.10
CA CYS D 32 -27.30 43.22 22.65
C CYS D 32 -28.79 43.08 22.95
N PRO D 33 -29.26 43.63 24.07
CA PRO D 33 -30.68 43.51 24.41
C PRO D 33 -31.56 44.44 23.58
N GLY D 34 -31.32 45.75 23.67
CA GLY D 34 -32.14 46.72 22.98
C GLY D 34 -31.54 47.12 21.64
N PRO D 35 -32.39 47.68 20.77
CA PRO D 35 -31.90 48.09 19.44
C PRO D 35 -30.84 49.17 19.49
N GLY D 36 -30.67 49.85 20.62
CA GLY D 36 -29.64 50.86 20.75
C GLY D 36 -28.87 50.75 22.06
N GLN D 37 -28.67 49.52 22.53
CA GLN D 37 -28.00 49.28 23.78
C GLN D 37 -26.70 48.51 23.55
N ASP D 38 -25.80 48.61 24.52
CA ASP D 38 -24.45 48.08 24.34
C ASP D 38 -24.44 46.56 24.40
N THR D 39 -23.58 45.95 23.57
CA THR D 39 -23.40 44.51 23.54
C THR D 39 -22.37 44.09 24.59
N ASP D 40 -22.65 42.98 25.27
CA ASP D 40 -21.79 42.51 26.35
C ASP D 40 -20.56 41.84 25.76
N CYS D 41 -19.52 42.64 25.53
CA CYS D 41 -18.23 42.15 25.08
C CYS D 41 -17.24 42.28 26.23
N ARG D 42 -16.40 41.27 26.39
CA ARG D 42 -15.45 41.24 27.49
C ARG D 42 -14.06 40.89 26.99
N GLU D 43 -13.05 41.44 27.67
CA GLU D 43 -11.66 41.26 27.26
C GLU D 43 -11.28 39.77 27.30
N CYS D 44 -10.44 39.36 26.35
CA CYS D 44 -9.94 37.99 26.32
C CYS D 44 -9.05 37.74 27.53
N GLU D 45 -9.03 36.49 27.97
CA GLU D 45 -8.28 36.09 29.15
C GLU D 45 -6.82 35.78 28.80
N SER D 46 -6.03 35.53 29.83
CA SER D 46 -4.59 35.33 29.66
C SER D 46 -4.32 34.10 28.78
N GLY D 47 -3.56 34.30 27.72
CA GLY D 47 -3.25 33.24 26.78
C GLY D 47 -4.13 33.17 25.55
N SER D 48 -5.05 34.11 25.39
CA SER D 48 -5.95 34.13 24.24
C SER D 48 -5.98 35.54 23.65
N PHE D 49 -6.63 35.66 22.50
CA PHE D 49 -6.66 36.94 21.79
C PHE D 49 -7.81 36.92 20.78
N THR D 50 -8.14 38.12 20.30
CA THR D 50 -9.02 38.30 19.14
C THR D 50 -8.48 39.50 18.36
N ALA D 51 -8.06 39.25 17.12
CA ALA D 51 -7.34 40.24 16.33
C ALA D 51 -8.20 40.88 15.24
N SER D 52 -9.52 40.86 15.40
CA SER D 52 -10.41 41.40 14.38
C SER D 52 -11.74 41.74 15.03
N GLU D 53 -12.51 42.56 14.33
CA GLU D 53 -13.89 42.78 14.74
C GLU D 53 -14.65 41.46 14.63
N ASN D 54 -15.39 41.13 15.68
CA ASN D 54 -15.97 39.80 15.80
C ASN D 54 -17.26 39.84 16.60
N HIS D 55 -18.16 38.89 16.30
CA HIS D 55 -19.16 38.45 17.25
C HIS D 55 -18.93 37.00 17.63
N LEU D 56 -17.66 36.61 17.70
CA LEU D 56 -17.28 35.28 18.15
C LEU D 56 -17.49 35.17 19.66
N ARG D 57 -17.91 33.99 20.12
CA ARG D 57 -18.17 33.78 21.53
C ARG D 57 -16.96 33.23 22.27
N HIS D 58 -15.80 33.14 21.62
CA HIS D 58 -14.59 32.66 22.28
C HIS D 58 -13.37 33.36 21.69
N CYS D 59 -12.25 33.26 22.40
CA CYS D 59 -11.00 33.87 21.97
C CYS D 59 -10.05 32.79 21.46
N LEU D 60 -9.26 33.15 20.45
CA LEU D 60 -8.32 32.21 19.84
C LEU D 60 -7.11 32.02 20.73
N SER D 61 -6.54 30.82 20.68
CA SER D 61 -5.35 30.51 21.46
C SER D 61 -4.14 31.27 20.92
N CYS D 62 -3.32 31.81 21.83
CA CYS D 62 -2.11 32.51 21.41
C CYS D 62 -1.13 31.53 20.80
N SER D 63 -0.48 31.96 19.74
CA SER D 63 0.56 31.16 19.11
C SER D 63 1.83 31.18 19.96
N LYS D 64 2.79 30.35 19.56
CA LYS D 64 4.10 30.32 20.17
C LYS D 64 5.13 30.19 19.06
N CYS D 65 6.37 30.55 19.37
CA CYS D 65 7.44 30.49 18.38
C CYS D 65 8.03 29.08 18.34
N ARG D 66 8.39 28.65 17.14
CA ARG D 66 8.90 27.30 16.94
C ARG D 66 10.40 27.29 17.24
N LYS D 67 10.75 26.88 18.46
CA LYS D 67 12.15 26.80 18.84
C LYS D 67 12.92 25.77 18.02
N GLU D 68 12.23 24.79 17.43
CA GLU D 68 12.89 23.86 16.53
C GLU D 68 13.18 24.50 15.18
N MET D 69 12.51 25.60 14.85
CA MET D 69 12.78 26.37 13.64
C MET D 69 13.75 27.52 13.88
N GLY D 70 14.35 27.60 15.07
CA GLY D 70 15.32 28.65 15.35
C GLY D 70 14.68 30.01 15.48
N GLN D 71 13.36 30.01 15.65
CA GLN D 71 12.57 31.21 15.77
C GLN D 71 12.78 31.86 17.13
N VAL D 72 12.48 33.16 17.19
CA VAL D 72 12.49 33.92 18.43
C VAL D 72 11.26 34.83 18.44
N GLU D 73 10.87 35.26 19.64
CA GLU D 73 9.65 36.02 19.81
C GLU D 73 9.93 37.51 19.57
N ILE D 74 9.31 38.05 18.53
CA ILE D 74 9.38 39.49 18.28
C ILE D 74 8.48 40.24 19.26
N SER D 75 7.17 40.00 19.18
CA SER D 75 6.23 40.58 20.12
C SER D 75 5.46 39.48 20.84
N SER D 76 5.12 39.73 22.09
CA SER D 76 4.33 38.79 22.86
C SER D 76 2.88 38.81 22.37
N CYS D 77 2.06 37.92 22.93
CA CYS D 77 0.65 37.85 22.59
C CYS D 77 -0.14 38.75 23.52
N THR D 78 -0.84 39.71 22.96
CA THR D 78 -1.76 40.56 23.70
C THR D 78 -3.19 40.20 23.31
N VAL D 79 -4.15 40.85 23.95
CA VAL D 79 -5.55 40.49 23.73
C VAL D 79 -6.00 40.77 22.31
N ASP D 80 -5.35 41.69 21.60
CA ASP D 80 -5.78 42.07 20.26
C ASP D 80 -4.74 41.77 19.19
N ARG D 81 -3.74 40.95 19.51
CA ARG D 81 -2.72 40.60 18.53
C ARG D 81 -2.06 39.30 18.96
N ASP D 82 -1.97 38.37 18.02
CA ASP D 82 -1.35 37.07 18.28
C ASP D 82 0.16 37.25 18.48
N THR D 83 0.80 36.17 18.94
CA THR D 83 2.24 36.15 19.03
C THR D 83 2.87 36.34 17.65
N VAL D 84 3.86 37.22 17.57
CA VAL D 84 4.59 37.46 16.33
C VAL D 84 6.01 36.93 16.52
N CYS D 85 6.42 36.03 15.63
CA CYS D 85 7.72 35.38 15.71
C CYS D 85 8.57 35.74 14.51
N GLY D 86 9.87 35.57 14.66
CA GLY D 86 10.82 35.90 13.61
C GLY D 86 12.16 35.26 13.87
N CYS D 87 13.15 35.69 13.10
CA CYS D 87 14.52 35.17 13.18
C CYS D 87 15.45 36.23 13.77
N ARG D 88 16.69 35.83 14.02
CA ARG D 88 17.70 36.73 14.55
C ARG D 88 18.34 37.55 13.44
N LYS D 89 19.32 38.37 13.81
CA LYS D 89 20.07 39.14 12.83
C LYS D 89 21.01 38.23 12.05
N ASN D 90 21.27 38.62 10.80
CA ASN D 90 22.03 37.81 9.85
C ASN D 90 21.36 36.47 9.60
N GLN D 91 20.03 36.45 9.64
CA GLN D 91 19.25 35.25 9.36
C GLN D 91 18.07 35.60 8.46
N TYR D 92 17.61 34.62 7.70
CA TYR D 92 16.48 34.80 6.80
C TYR D 92 15.46 33.68 6.99
N ARG D 93 14.26 33.90 6.47
CA ARG D 93 13.15 32.98 6.63
C ARG D 93 12.96 32.17 5.36
N HIS D 94 12.86 30.84 5.51
CA HIS D 94 12.48 29.96 4.42
C HIS D 94 11.12 29.36 4.76
N TYR D 95 10.08 29.81 4.06
CA TYR D 95 8.72 29.36 4.34
C TYR D 95 8.49 28.00 3.70
N TRP D 96 8.47 26.96 4.54
CA TRP D 96 8.09 25.63 4.08
C TRP D 96 6.62 25.57 3.72
N SER D 97 5.80 26.43 4.35
CA SER D 97 4.38 26.50 4.12
C SER D 97 3.95 27.96 4.22
N GLU D 98 2.66 28.20 4.02
CA GLU D 98 2.13 29.56 4.08
C GLU D 98 2.37 30.19 5.45
N ASN D 99 2.45 29.38 6.50
CA ASN D 99 2.66 29.88 7.85
C ASN D 99 3.87 29.27 8.55
N LEU D 100 4.50 28.25 8.00
CA LEU D 100 5.60 27.53 8.62
C LEU D 100 6.91 27.96 7.95
N PHE D 101 7.75 28.69 8.69
CA PHE D 101 9.04 29.13 8.18
C PHE D 101 10.15 28.69 9.13
N GLN D 102 11.35 28.56 8.57
CA GLN D 102 12.54 28.16 9.30
C GLN D 102 13.61 29.24 9.14
N CYS D 103 14.41 29.42 10.18
CA CYS D 103 15.50 30.40 10.19
C CYS D 103 16.81 29.73 9.78
N PHE D 104 17.55 30.40 8.89
CA PHE D 104 18.87 29.98 8.48
C PHE D 104 19.82 31.17 8.56
N ASN D 105 21.07 30.91 8.93
CA ASN D 105 22.08 31.96 8.93
C ASN D 105 22.31 32.48 7.52
N CYS D 106 22.40 33.81 7.38
CA CYS D 106 22.65 34.41 6.08
C CYS D 106 24.00 33.96 5.53
N SER D 107 24.03 33.67 4.24
CA SER D 107 25.27 33.29 3.59
C SER D 107 26.25 34.46 3.58
N LEU D 108 27.54 34.14 3.71
CA LEU D 108 28.58 35.15 3.83
C LEU D 108 29.26 35.50 2.51
N CYS D 109 29.11 34.66 1.47
CA CYS D 109 29.70 34.92 0.16
C CYS D 109 31.22 35.01 0.22
N LEU D 110 31.84 34.36 1.20
CA LEU D 110 33.29 34.36 1.29
C LEU D 110 33.90 33.78 0.01
N ASN D 111 34.91 34.46 -0.51
CA ASN D 111 35.51 34.16 -1.82
C ASN D 111 34.47 34.25 -2.94
N GLY D 112 33.59 35.25 -2.86
CA GLY D 112 32.54 35.39 -3.84
C GLY D 112 32.04 36.81 -3.91
N THR D 113 31.17 37.06 -4.88
CA THR D 113 30.60 38.39 -5.12
C THR D 113 29.16 38.41 -4.65
N VAL D 114 28.80 39.44 -3.88
CA VAL D 114 27.46 39.59 -3.33
C VAL D 114 26.62 40.38 -4.33
N HIS D 115 25.69 39.71 -5.00
CA HIS D 115 24.81 40.38 -5.94
C HIS D 115 23.63 41.07 -5.26
N LEU D 116 23.29 40.67 -4.04
CA LEU D 116 22.22 41.30 -3.29
C LEU D 116 22.40 40.95 -1.83
N SER D 117 22.13 41.91 -0.95
CA SER D 117 22.28 41.66 0.47
C SER D 117 21.20 40.69 0.96
N CYS D 118 21.47 40.11 2.13
CA CYS D 118 20.50 39.25 2.77
C CYS D 118 19.26 40.03 3.17
N GLN D 119 18.09 39.40 3.04
CA GLN D 119 16.82 40.05 3.33
C GLN D 119 16.05 39.24 4.36
N GLU D 120 14.88 39.76 4.73
CA GLU D 120 14.07 39.11 5.77
C GLU D 120 13.58 37.75 5.30
N LYS D 121 13.00 37.69 4.10
CA LYS D 121 12.50 36.43 3.56
C LYS D 121 13.31 35.96 2.35
N GLN D 122 14.57 36.36 2.26
CA GLN D 122 15.37 36.04 1.09
C GLN D 122 16.84 36.03 1.46
N ASN D 123 17.52 34.95 1.09
CA ASN D 123 18.93 34.79 1.41
C ASN D 123 19.80 35.62 0.48
N THR D 124 21.06 35.80 0.89
CA THR D 124 22.05 36.48 0.07
C THR D 124 22.15 35.83 -1.30
N VAL D 125 22.20 36.66 -2.34
CA VAL D 125 22.40 36.19 -3.71
C VAL D 125 23.90 36.16 -3.98
N CYS D 126 24.44 34.97 -4.20
CA CYS D 126 25.87 34.78 -4.38
C CYS D 126 26.16 34.11 -5.72
N THR D 127 27.19 34.62 -6.41
CA THR D 127 27.78 33.96 -7.56
C THR D 127 29.27 33.82 -7.32
N CYS D 128 29.82 32.63 -7.58
CA CYS D 128 31.20 32.35 -7.25
C CYS D 128 32.09 32.48 -8.49
N HIS D 129 33.38 32.68 -8.22
CA HIS D 129 34.36 32.76 -9.31
C HIS D 129 34.44 31.42 -10.02
N ALA D 130 34.67 31.47 -11.33
CA ALA D 130 34.75 30.24 -12.13
C ALA D 130 35.85 29.34 -11.60
N GLY D 131 35.52 28.06 -11.43
CA GLY D 131 36.42 27.11 -10.81
C GLY D 131 35.97 26.76 -9.41
N PHE D 132 35.52 27.75 -8.66
CA PHE D 132 34.92 27.56 -7.34
C PHE D 132 33.40 27.55 -7.49
N PHE D 133 32.75 26.62 -6.80
CA PHE D 133 31.31 26.43 -6.94
C PHE D 133 30.61 26.66 -5.60
N LEU D 134 29.31 26.90 -5.66
CA LEU D 134 28.47 27.15 -4.49
C LEU D 134 27.53 25.95 -4.32
N ARG D 135 27.94 24.99 -3.49
CA ARG D 135 27.09 23.82 -3.25
C ARG D 135 25.92 24.18 -2.34
N GLU D 136 26.20 24.88 -1.23
CA GLU D 136 25.17 25.31 -0.30
C GLU D 136 25.02 26.82 -0.28
N ASN D 137 25.06 27.44 -1.47
CA ASN D 137 25.11 28.89 -1.65
C ASN D 137 26.34 29.52 -1.01
N GLU D 138 27.40 28.73 -0.80
CA GLU D 138 28.68 29.21 -0.27
C GLU D 138 29.80 28.77 -1.20
N CYS D 139 30.71 29.70 -1.50
CA CYS D 139 31.76 29.43 -2.47
C CYS D 139 32.84 28.52 -1.89
N VAL D 140 33.23 27.52 -2.66
CA VAL D 140 34.30 26.59 -2.29
C VAL D 140 34.97 26.12 -3.58
N SER D 141 36.28 25.91 -3.51
CA SER D 141 37.03 25.52 -4.69
C SER D 141 36.72 24.08 -5.08
N SER D 142 37.07 23.72 -6.31
CA SER D 142 36.84 22.36 -6.81
C SER D 142 38.07 21.49 -6.58
N VAL E 3 -28.34 5.82 43.40
CA VAL E 3 -29.56 5.03 43.58
C VAL E 3 -29.22 3.68 44.17
N CYS E 4 -28.50 2.86 43.41
CA CYS E 4 -28.10 1.56 43.91
C CYS E 4 -26.86 1.70 44.81
N PRO E 5 -26.80 0.93 45.88
CA PRO E 5 -25.65 1.04 46.80
C PRO E 5 -24.38 0.46 46.21
N GLN E 6 -23.29 0.47 46.99
CA GLN E 6 -22.05 -0.13 46.55
C GLN E 6 -22.25 -1.63 46.30
N GLY E 7 -21.60 -2.13 45.26
CA GLY E 7 -21.77 -3.51 44.86
C GLY E 7 -22.98 -3.78 43.98
N LYS E 8 -23.79 -2.77 43.70
CA LYS E 8 -24.97 -2.93 42.85
C LYS E 8 -25.01 -1.82 41.81
N TYR E 9 -25.48 -2.16 40.61
CA TYR E 9 -25.60 -1.21 39.52
C TYR E 9 -27.05 -1.10 39.10
N ILE E 10 -27.36 -0.01 38.41
CA ILE E 10 -28.73 0.26 37.97
C ILE E 10 -29.02 -0.52 36.69
N HIS E 11 -30.20 -1.11 36.63
CA HIS E 11 -30.61 -1.87 35.46
C HIS E 11 -30.76 -0.95 34.25
N PRO E 12 -30.34 -1.39 33.07
CA PRO E 12 -30.37 -0.49 31.90
C PRO E 12 -31.76 -0.19 31.38
N GLN E 13 -32.58 -1.23 31.18
CA GLN E 13 -33.88 -1.04 30.55
C GLN E 13 -34.88 -0.37 31.49
N ASP E 14 -34.79 -0.64 32.79
CA ASP E 14 -35.73 -0.06 33.77
C ASP E 14 -34.93 0.59 34.88
N ASN E 15 -35.25 1.86 35.18
CA ASN E 15 -34.46 2.62 36.14
C ASN E 15 -34.63 2.14 37.58
N SER E 16 -35.70 1.40 37.87
CA SER E 16 -36.03 1.09 39.27
C SER E 16 -35.11 0.02 39.85
N ILE E 17 -34.75 -0.97 39.05
CA ILE E 17 -34.13 -2.20 39.56
C ILE E 17 -32.66 -1.98 39.85
N CYS E 18 -32.16 -2.62 40.91
CA CYS E 18 -30.75 -2.63 41.26
C CYS E 18 -30.26 -4.07 41.26
N CYS E 19 -29.35 -4.39 40.35
CA CYS E 19 -28.77 -5.72 40.23
C CYS E 19 -27.41 -5.77 40.92
N THR E 20 -27.08 -6.94 41.44
CA THR E 20 -25.79 -7.15 42.08
C THR E 20 -24.71 -7.31 41.02
N LYS E 21 -23.61 -6.59 41.19
CA LYS E 21 -22.52 -6.63 40.21
C LYS E 21 -21.86 -8.00 40.20
N CYS E 22 -21.28 -8.35 39.05
CA CYS E 22 -20.55 -9.61 38.93
C CYS E 22 -19.20 -9.52 39.64
N HIS E 23 -18.71 -10.67 40.08
CA HIS E 23 -17.45 -10.74 40.81
C HIS E 23 -16.27 -10.79 39.84
N LYS E 24 -15.07 -10.55 40.38
CA LYS E 24 -13.88 -10.60 39.56
C LYS E 24 -13.69 -12.00 39.00
N GLY E 25 -13.23 -12.08 37.76
CA GLY E 25 -13.13 -13.34 37.06
C GLY E 25 -14.35 -13.71 36.26
N THR E 26 -15.46 -12.98 36.40
CA THR E 26 -16.69 -13.26 35.66
C THR E 26 -17.15 -12.01 34.94
N TYR E 27 -17.99 -12.22 33.92
CA TYR E 27 -18.58 -11.14 33.15
C TYR E 27 -20.10 -11.22 33.20
N LEU E 28 -20.74 -10.17 32.72
CA LEU E 28 -22.20 -10.09 32.72
C LEU E 28 -22.75 -10.88 31.53
N TYR E 29 -23.48 -11.95 31.83
CA TYR E 29 -24.18 -12.68 30.78
C TYR E 29 -25.61 -12.18 30.60
N ASN E 30 -26.25 -11.71 31.67
CA ASN E 30 -27.59 -11.16 31.62
C ASN E 30 -27.87 -10.40 32.91
N ASP E 31 -28.64 -9.32 32.80
CA ASP E 31 -28.98 -8.54 33.98
C ASP E 31 -29.97 -9.30 34.85
N CYS E 32 -30.04 -8.91 36.12
CA CYS E 32 -30.96 -9.57 37.04
C CYS E 32 -32.41 -9.23 36.67
N PRO E 33 -33.33 -10.18 36.82
CA PRO E 33 -34.71 -9.93 36.37
C PRO E 33 -35.52 -9.08 37.33
N GLY E 34 -35.20 -9.15 38.62
CA GLY E 34 -35.99 -8.48 39.63
C GLY E 34 -35.14 -7.74 40.65
N PRO E 35 -35.81 -7.00 41.54
CA PRO E 35 -35.06 -6.21 42.52
C PRO E 35 -34.18 -7.04 43.44
N GLY E 36 -34.56 -8.29 43.74
CA GLY E 36 -33.79 -9.10 44.66
C GLY E 36 -33.39 -10.45 44.12
N GLN E 37 -33.30 -10.58 42.80
CA GLN E 37 -32.94 -11.85 42.18
C GLN E 37 -31.48 -11.84 41.76
N ASP E 38 -30.95 -13.04 41.50
CA ASP E 38 -29.55 -13.19 41.16
C ASP E 38 -29.27 -12.66 39.75
N THR E 39 -28.00 -12.31 39.53
CA THR E 39 -27.53 -11.76 38.25
C THR E 39 -26.68 -12.82 37.56
N ASP E 40 -27.04 -13.14 36.32
CA ASP E 40 -26.37 -14.21 35.57
C ASP E 40 -24.95 -13.74 35.21
N CYS E 41 -23.96 -14.26 35.91
CA CYS E 41 -22.56 -13.95 35.67
C CYS E 41 -21.78 -15.23 35.42
N ARG E 42 -20.92 -15.22 34.41
CA ARG E 42 -20.19 -16.41 34.01
C ARG E 42 -18.70 -16.11 33.94
N GLU E 43 -17.90 -17.15 34.20
CA GLU E 43 -16.45 -17.01 34.27
C GLU E 43 -15.86 -16.59 32.94
N CYS E 44 -14.87 -15.70 32.99
CA CYS E 44 -14.22 -15.24 31.76
C CYS E 44 -13.56 -16.41 31.04
N GLU E 45 -13.60 -16.37 29.71
CA GLU E 45 -13.07 -17.47 28.92
C GLU E 45 -11.55 -17.45 28.93
N SER E 46 -10.96 -18.37 28.16
CA SER E 46 -9.51 -18.46 28.08
C SER E 46 -8.92 -17.17 27.50
N GLY E 47 -7.73 -16.83 27.97
CA GLY E 47 -7.03 -15.66 27.47
C GLY E 47 -7.64 -14.33 27.82
N SER E 48 -8.68 -14.32 28.64
CA SER E 48 -9.35 -13.10 29.06
C SER E 48 -9.41 -13.06 30.58
N PHE E 49 -9.88 -11.94 31.12
CA PHE E 49 -9.92 -11.75 32.57
C PHE E 49 -10.76 -10.54 32.90
N THR E 50 -11.20 -10.50 34.16
CA THR E 50 -11.72 -9.29 34.79
C THR E 50 -11.11 -9.24 36.19
N ALA E 51 -10.49 -8.12 36.53
CA ALA E 51 -9.71 -8.01 37.76
C ALA E 51 -10.41 -7.22 38.85
N SER E 52 -11.69 -6.89 38.67
CA SER E 52 -12.44 -6.15 39.67
C SER E 52 -13.91 -6.46 39.51
N GLU E 53 -14.69 -6.15 40.55
CA GLU E 53 -16.13 -6.28 40.44
C GLU E 53 -16.64 -5.41 39.29
N ASN E 54 -17.61 -5.93 38.55
CA ASN E 54 -18.00 -5.31 37.29
C ASN E 54 -19.41 -5.74 36.91
N HIS E 55 -19.99 -4.99 35.97
CA HIS E 55 -21.15 -5.42 35.20
C HIS E 55 -20.83 -5.21 33.72
N LEU E 56 -19.77 -5.89 33.28
CA LEU E 56 -19.19 -5.70 31.95
C LEU E 56 -19.50 -6.92 31.10
N ARG E 57 -20.16 -6.70 29.97
CA ARG E 57 -20.64 -7.81 29.15
C ARG E 57 -19.54 -8.53 28.38
N HIS E 58 -18.28 -8.11 28.52
CA HIS E 58 -17.15 -8.82 27.93
C HIS E 58 -15.95 -8.66 28.85
N CYS E 59 -14.97 -9.54 28.66
CA CYS E 59 -13.78 -9.56 29.49
C CYS E 59 -12.61 -8.89 28.77
N LEU E 60 -11.64 -8.46 29.56
CA LEU E 60 -10.45 -7.82 29.02
C LEU E 60 -9.46 -8.88 28.50
N SER E 61 -8.69 -8.51 27.48
CA SER E 61 -7.69 -9.41 26.93
C SER E 61 -6.44 -9.39 27.79
N CYS E 62 -5.93 -10.58 28.11
CA CYS E 62 -4.75 -10.74 28.94
C CYS E 62 -3.54 -10.04 28.32
N SER E 63 -3.01 -9.03 29.02
CA SER E 63 -1.80 -8.36 28.56
C SER E 63 -0.63 -9.33 28.58
N LYS E 64 0.39 -9.02 27.78
CA LYS E 64 1.56 -9.87 27.65
C LYS E 64 2.82 -9.14 28.06
N CYS E 65 3.88 -9.92 28.26
CA CYS E 65 5.16 -9.39 28.70
C CYS E 65 6.00 -9.02 27.50
N ARG E 66 6.57 -7.82 27.53
CA ARG E 66 7.34 -7.29 26.41
C ARG E 66 8.72 -7.94 26.40
N LYS E 67 8.87 -8.98 25.57
CA LYS E 67 10.16 -9.65 25.48
C LYS E 67 11.25 -8.73 24.93
N GLU E 68 10.88 -7.66 24.22
CA GLU E 68 11.86 -6.72 23.71
C GLU E 68 12.37 -5.79 24.79
N MET E 69 11.61 -5.59 25.87
CA MET E 69 12.05 -4.83 27.02
C MET E 69 12.78 -5.69 28.05
N GLY E 70 13.19 -6.90 27.67
CA GLY E 70 13.85 -7.79 28.60
C GLY E 70 12.99 -8.25 29.75
N GLN E 71 11.67 -8.18 29.61
CA GLN E 71 10.76 -8.52 30.69
C GLN E 71 10.61 -10.04 30.80
N VAL E 72 10.08 -10.46 31.95
CA VAL E 72 9.79 -11.87 32.22
C VAL E 72 8.48 -11.94 33.00
N GLU E 73 7.80 -13.08 32.89
CA GLU E 73 6.47 -13.24 33.46
C GLU E 73 6.59 -13.60 34.94
N ILE E 74 6.11 -12.70 35.80
CA ILE E 74 6.09 -13.00 37.24
C ILE E 74 4.94 -13.95 37.57
N SER E 75 3.70 -13.53 37.30
CA SER E 75 2.52 -14.36 37.52
C SER E 75 1.71 -14.39 36.24
N SER E 76 1.31 -15.60 35.81
CA SER E 76 0.54 -15.76 34.59
C SER E 76 -0.84 -15.13 34.74
N CYS E 77 -1.57 -15.11 33.63
CA CYS E 77 -2.90 -14.52 33.60
C CYS E 77 -3.93 -15.50 34.13
N THR E 78 -4.56 -15.16 35.25
CA THR E 78 -5.72 -15.87 35.76
C THR E 78 -6.97 -15.11 35.38
N VAL E 79 -8.13 -15.76 35.55
CA VAL E 79 -9.39 -15.15 35.16
C VAL E 79 -9.69 -13.89 35.97
N ASP E 80 -9.05 -13.72 37.12
CA ASP E 80 -9.32 -12.58 37.99
C ASP E 80 -8.14 -11.62 38.10
N ARG E 81 -7.04 -11.88 37.40
CA ARG E 81 -5.85 -11.06 37.55
C ARG E 81 -5.06 -11.08 36.24
N ASP E 82 -4.71 -9.89 35.74
CA ASP E 82 -3.96 -9.77 34.51
C ASP E 82 -2.53 -10.28 34.72
N THR E 83 -1.86 -10.58 33.60
CA THR E 83 -0.47 -11.00 33.66
C THR E 83 0.38 -9.93 34.34
N VAL E 84 1.22 -10.36 35.27
CA VAL E 84 2.16 -9.47 35.95
C VAL E 84 3.55 -9.78 35.44
N CYS E 85 4.17 -8.79 34.80
CA CYS E 85 5.50 -8.91 34.22
C CYS E 85 6.51 -8.13 35.05
N GLY E 86 7.76 -8.54 34.95
CA GLY E 86 8.82 -7.87 35.67
C GLY E 86 10.17 -8.12 35.05
N CYS E 87 11.21 -7.85 35.83
CA CYS E 87 12.59 -8.01 35.40
C CYS E 87 13.22 -9.20 36.11
N ARG E 88 14.48 -9.47 35.77
CA ARG E 88 15.22 -10.59 36.34
C ARG E 88 15.95 -10.15 37.60
N LYS E 89 16.83 -11.01 38.10
CA LYS E 89 17.66 -10.68 39.24
C LYS E 89 18.81 -9.77 38.83
N ASN E 90 19.22 -8.91 39.77
CA ASN E 90 20.27 -7.92 39.53
C ASN E 90 19.90 -6.98 38.39
N GLN E 91 18.62 -6.61 38.33
CA GLN E 91 18.12 -5.70 37.31
C GLN E 91 17.15 -4.71 37.95
N TYR E 92 16.90 -3.61 37.24
CA TYR E 92 15.96 -2.60 37.69
C TYR E 92 15.11 -2.16 36.51
N ARG E 93 14.07 -1.39 36.82
CA ARG E 93 13.10 -0.94 35.83
C ARG E 93 13.29 0.53 35.52
N HIS E 94 13.37 0.87 34.24
CA HIS E 94 13.31 2.24 33.76
C HIS E 94 12.01 2.42 32.99
N TYR E 95 11.14 3.30 33.47
CA TYR E 95 9.81 3.47 32.92
C TYR E 95 9.80 4.57 31.86
N TRP E 96 9.56 4.18 30.61
CA TRP E 96 9.42 5.15 29.53
C TRP E 96 8.05 5.80 29.52
N SER E 97 7.04 5.12 30.07
CA SER E 97 5.68 5.65 30.18
C SER E 97 5.10 5.16 31.50
N GLU E 98 3.79 5.41 31.68
CA GLU E 98 3.12 4.89 32.87
C GLU E 98 3.20 3.37 32.94
N ASN E 99 2.98 2.69 31.82
CA ASN E 99 2.97 1.24 31.79
C ASN E 99 4.09 0.62 30.97
N LEU E 100 4.99 1.44 30.42
CA LEU E 100 6.07 0.95 29.58
C LEU E 100 7.39 1.07 30.35
N PHE E 101 8.03 -0.08 30.61
CA PHE E 101 9.27 -0.12 31.36
C PHE E 101 10.25 -1.09 30.70
N GLN E 102 11.54 -0.83 30.87
CA GLN E 102 12.59 -1.67 30.33
C GLN E 102 13.47 -2.17 31.47
N CYS E 103 14.07 -3.34 31.27
CA CYS E 103 14.91 -3.99 32.27
C CYS E 103 16.38 -3.78 31.91
N PHE E 104 17.10 -3.05 32.77
CA PHE E 104 18.54 -2.87 32.64
C PHE E 104 19.26 -3.55 33.80
N ASN E 105 20.42 -4.11 33.49
CA ASN E 105 21.24 -4.76 34.51
C ASN E 105 21.67 -3.76 35.58
N CYS E 106 21.70 -4.22 36.83
CA CYS E 106 22.11 -3.34 37.93
C CYS E 106 23.59 -2.99 37.80
N SER E 107 23.90 -1.71 38.02
CA SER E 107 25.28 -1.26 38.01
C SER E 107 26.05 -1.87 39.17
N LEU E 108 27.33 -2.16 38.91
CA LEU E 108 28.20 -2.78 39.91
C LEU E 108 29.20 -1.81 40.53
N CYS E 109 29.24 -0.56 40.07
CA CYS E 109 30.14 0.45 40.62
C CYS E 109 31.60 -0.01 40.58
N LEU E 110 32.05 -0.38 39.39
CA LEU E 110 33.45 -0.73 39.21
C LEU E 110 34.32 0.51 39.41
N ASN E 111 35.53 0.28 39.92
CA ASN E 111 36.43 1.36 40.36
C ASN E 111 35.72 2.27 41.35
N GLY E 112 34.94 1.66 42.23
CA GLY E 112 34.16 2.40 43.20
C GLY E 112 33.47 1.46 44.16
N THR E 113 32.61 2.05 45.01
CA THR E 113 31.91 1.29 46.04
C THR E 113 30.41 1.56 45.93
N VAL E 114 29.63 0.57 46.33
CA VAL E 114 28.17 0.65 46.28
C VAL E 114 27.68 1.56 47.40
N HIS E 115 27.07 2.70 47.03
CA HIS E 115 26.50 3.60 48.03
C HIS E 115 25.15 3.10 48.49
N LEU E 116 24.14 3.14 47.62
CA LEU E 116 22.82 2.57 47.88
C LEU E 116 22.63 1.38 46.97
N SER E 117 22.16 0.27 47.54
CA SER E 117 22.01 -0.97 46.79
C SER E 117 21.00 -0.80 45.66
N CYS E 118 21.12 -1.67 44.66
CA CYS E 118 20.22 -1.62 43.52
C CYS E 118 18.79 -1.94 43.96
N GLN E 119 17.85 -1.17 43.45
CA GLN E 119 16.46 -1.29 43.82
C GLN E 119 15.64 -1.76 42.62
N GLU E 120 14.33 -1.92 42.84
CA GLU E 120 13.45 -2.41 41.80
C GLU E 120 13.27 -1.38 40.69
N LYS E 121 13.26 -0.10 41.06
CA LYS E 121 13.03 0.98 40.09
C LYS E 121 14.12 2.04 40.10
N GLN E 122 15.23 1.80 40.81
CA GLN E 122 16.35 2.73 40.82
C GLN E 122 17.65 1.96 40.64
N ASN E 123 18.58 2.55 39.90
CA ASN E 123 19.87 1.93 39.67
C ASN E 123 20.75 2.08 40.90
N THR E 124 21.77 1.22 40.98
CA THR E 124 22.75 1.29 42.05
C THR E 124 23.35 2.68 42.14
N VAL E 125 23.44 3.20 43.36
CA VAL E 125 24.12 4.47 43.61
C VAL E 125 25.61 4.18 43.81
N CYS E 126 26.46 4.85 43.04
CA CYS E 126 27.89 4.60 43.05
C CYS E 126 28.66 5.79 43.58
N THR E 127 29.70 5.50 44.38
CA THR E 127 30.72 6.46 44.76
C THR E 127 32.06 5.91 44.28
N CYS E 128 32.87 6.77 43.68
CA CYS E 128 34.07 6.31 43.00
C CYS E 128 35.26 6.23 43.94
N HIS E 129 36.18 5.33 43.62
CA HIS E 129 37.43 5.19 44.35
C HIS E 129 38.28 6.44 44.24
N ALA E 130 39.45 6.42 44.87
CA ALA E 130 40.38 7.53 44.76
C ALA E 130 40.94 7.60 43.34
N GLY E 131 40.86 8.78 42.74
CA GLY E 131 41.35 8.97 41.39
C GLY E 131 40.34 8.70 40.31
N PHE E 132 39.05 8.85 40.60
CA PHE E 132 38.00 8.65 39.62
C PHE E 132 36.90 9.68 39.84
N PHE E 133 36.44 10.28 38.73
CA PHE E 133 35.27 11.14 38.75
C PHE E 133 34.01 10.32 38.49
N LEU E 134 32.87 10.86 38.92
CA LEU E 134 31.59 10.20 38.74
C LEU E 134 30.83 10.89 37.62
N ARG E 135 30.54 10.13 36.55
CA ARG E 135 29.80 10.64 35.40
C ARG E 135 28.61 9.72 35.16
N GLU E 136 27.40 10.25 35.33
CA GLU E 136 26.13 9.53 35.18
C GLU E 136 26.21 8.10 35.75
N ASN E 137 26.52 8.04 37.04
CA ASN E 137 26.54 6.80 37.82
C ASN E 137 27.60 5.81 37.35
N GLU E 138 28.62 6.29 36.65
CA GLU E 138 29.75 5.46 36.24
C GLU E 138 31.04 6.15 36.66
N CYS E 139 32.04 5.34 37.01
CA CYS E 139 33.32 5.84 37.50
C CYS E 139 34.32 5.85 36.35
N VAL E 140 34.45 7.00 35.70
CA VAL E 140 35.41 7.19 34.63
C VAL E 140 36.72 7.69 35.21
N SER E 141 37.81 7.44 34.49
CA SER E 141 39.12 7.86 34.93
C SER E 141 39.32 9.36 34.67
N SER E 142 40.53 9.85 34.95
CA SER E 142 40.90 11.23 34.63
C SER E 142 42.14 11.30 33.76
N SER E 143 42.64 10.15 33.29
CA SER E 143 43.82 10.10 32.43
C SER E 143 43.47 10.53 31.01
N ASP F 1 -14.42 -8.32 -15.93
CA ASP F 1 -12.98 -8.46 -16.03
C ASP F 1 -12.32 -7.22 -16.61
N ILE F 2 -11.09 -6.98 -16.20
CA ILE F 2 -10.29 -5.85 -16.68
C ILE F 2 -9.37 -6.35 -17.78
N GLN F 3 -9.34 -5.65 -18.92
CA GLN F 3 -8.49 -5.99 -20.04
C GLN F 3 -7.39 -4.95 -20.20
N MET F 4 -6.18 -5.42 -20.47
CA MET F 4 -5.00 -4.56 -20.61
C MET F 4 -4.59 -4.54 -22.07
N THR F 5 -4.84 -3.42 -22.75
CA THR F 5 -4.47 -3.27 -24.16
C THR F 5 -3.03 -2.77 -24.24
N GLN F 6 -2.15 -3.61 -24.74
CA GLN F 6 -0.73 -3.31 -24.82
C GLN F 6 -0.35 -3.04 -26.28
N SER F 7 0.46 -2.00 -26.49
CA SER F 7 0.84 -1.60 -27.83
C SER F 7 2.24 -1.01 -27.77
N PRO F 8 3.09 -1.28 -28.77
CA PRO F 8 2.76 -2.10 -29.95
C PRO F 8 3.00 -3.58 -29.70
N ALA F 9 2.45 -4.42 -30.58
CA ALA F 9 2.69 -5.86 -30.46
C ALA F 9 4.16 -6.18 -30.70
N SER F 10 4.73 -5.65 -31.79
CA SER F 10 6.15 -5.79 -32.09
C SER F 10 6.76 -4.41 -32.25
N LEU F 11 8.06 -4.31 -31.94
CA LEU F 11 8.73 -3.02 -32.01
C LEU F 11 10.20 -3.18 -32.39
N PRO F 12 10.59 -2.79 -33.60
CA PRO F 12 12.01 -2.81 -33.96
C PRO F 12 12.74 -1.59 -33.44
N ALA F 13 13.98 -1.80 -33.00
CA ALA F 13 14.82 -0.73 -32.50
C ALA F 13 16.27 -1.20 -32.49
N SER F 14 17.17 -0.27 -32.20
CA SER F 14 18.60 -0.50 -32.15
C SER F 14 19.13 -0.06 -30.79
N PRO F 15 20.33 -0.51 -30.41
CA PRO F 15 20.92 -0.04 -29.15
C PRO F 15 21.07 1.47 -29.12
N GLU F 16 21.12 2.01 -27.90
CA GLU F 16 21.23 3.43 -27.62
C GLU F 16 20.00 4.23 -28.06
N GLU F 17 18.88 3.57 -28.35
CA GLU F 17 17.66 4.25 -28.74
C GLU F 17 16.81 4.57 -27.52
N ILE F 18 15.75 5.34 -27.76
CA ILE F 18 14.73 5.64 -26.75
C ILE F 18 13.45 4.95 -27.17
N VAL F 19 12.93 4.09 -26.30
CA VAL F 19 11.80 3.22 -26.62
C VAL F 19 10.76 3.34 -25.51
N THR F 20 9.49 3.43 -25.91
CA THR F 20 8.38 3.59 -24.97
C THR F 20 7.28 2.59 -25.30
N ILE F 21 6.92 1.78 -24.32
CA ILE F 21 5.84 0.80 -24.43
C ILE F 21 4.69 1.26 -23.51
N THR F 22 3.45 1.13 -23.99
CA THR F 22 2.30 1.61 -23.25
C THR F 22 1.29 0.49 -23.00
N CYS F 23 0.52 0.63 -21.92
CA CYS F 23 -0.62 -0.24 -21.61
C CYS F 23 -1.82 0.61 -21.25
N GLN F 24 -2.99 0.20 -21.73
CA GLN F 24 -4.25 0.90 -21.48
C GLN F 24 -5.18 -0.03 -20.70
N ALA F 25 -5.75 0.49 -19.62
CA ALA F 25 -6.56 -0.30 -18.70
C ALA F 25 -8.05 -0.13 -18.99
N SER F 26 -8.77 -1.25 -18.99
CA SER F 26 -10.22 -1.22 -19.21
C SER F 26 -10.92 -0.34 -18.18
N GLN F 27 -10.60 -0.51 -16.91
CA GLN F 27 -11.13 0.29 -15.81
C GLN F 27 -9.98 0.97 -15.08
N ASP F 28 -10.32 1.69 -14.01
CA ASP F 28 -9.29 2.26 -13.15
C ASP F 28 -8.66 1.16 -12.31
N ILE F 29 -7.32 1.09 -12.34
CA ILE F 29 -6.57 0.14 -11.54
C ILE F 29 -5.56 0.81 -10.63
N GLY F 30 -5.49 2.14 -10.65
CA GLY F 30 -4.63 2.85 -9.70
C GLY F 30 -3.16 2.55 -9.93
N ASN F 31 -2.41 2.41 -8.83
CA ASN F 31 -1.01 2.06 -8.89
C ASN F 31 -0.78 0.55 -8.83
N TRP F 32 -1.84 -0.25 -8.91
CA TRP F 32 -1.72 -1.69 -8.84
C TRP F 32 -1.25 -2.28 -10.17
N LEU F 33 -0.20 -1.69 -10.74
CA LEU F 33 0.33 -2.12 -12.03
C LEU F 33 1.81 -2.46 -11.89
N SER F 34 2.24 -3.48 -12.64
CA SER F 34 3.63 -3.89 -12.66
C SER F 34 4.02 -4.31 -14.08
N TRP F 35 5.29 -4.05 -14.41
CA TRP F 35 5.88 -4.44 -15.70
C TRP F 35 6.85 -5.61 -15.50
N TYR F 36 7.03 -6.38 -16.58
CA TYR F 36 7.89 -7.55 -16.53
C TYR F 36 8.61 -7.70 -17.88
N GLN F 37 9.79 -8.31 -17.83
CA GLN F 37 10.55 -8.68 -19.01
C GLN F 37 10.77 -10.19 -19.00
N GLN F 38 10.59 -10.83 -20.16
CA GLN F 38 10.82 -12.26 -20.31
C GLN F 38 11.75 -12.48 -21.49
N LYS F 39 13.01 -12.84 -21.19
CA LYS F 39 13.94 -13.21 -22.26
C LYS F 39 13.64 -14.62 -22.75
N PRO F 40 14.01 -14.94 -24.00
CA PRO F 40 13.66 -16.25 -24.55
C PRO F 40 14.28 -17.40 -23.77
N GLY F 41 13.46 -18.43 -23.50
CA GLY F 41 13.91 -19.60 -22.80
C GLY F 41 14.07 -19.45 -21.30
N LYS F 42 13.83 -18.26 -20.75
CA LYS F 42 13.97 -18.00 -19.33
C LYS F 42 12.63 -17.61 -18.74
N SER F 43 12.60 -17.47 -17.41
CA SER F 43 11.40 -17.07 -16.68
C SER F 43 11.30 -15.55 -16.63
N PRO F 44 10.08 -15.03 -16.43
CA PRO F 44 9.91 -13.57 -16.36
C PRO F 44 10.57 -12.96 -15.12
N GLN F 45 11.06 -11.74 -15.30
CA GLN F 45 11.65 -10.97 -14.21
C GLN F 45 10.83 -9.72 -13.96
N LEU F 46 10.76 -9.31 -12.70
CA LEU F 46 10.02 -8.10 -12.34
C LEU F 46 10.82 -6.86 -12.72
N LEU F 47 10.18 -5.94 -13.43
CA LEU F 47 10.80 -4.70 -13.86
C LEU F 47 10.40 -3.52 -12.99
N ILE F 48 9.10 -3.26 -12.85
CA ILE F 48 8.60 -2.07 -12.17
C ILE F 48 7.37 -2.44 -11.36
N TYR F 49 7.32 -1.96 -10.11
CA TYR F 49 6.20 -2.17 -9.21
C TYR F 49 5.62 -0.82 -8.79
N GLY F 50 4.37 -0.85 -8.33
CA GLY F 50 3.73 0.40 -7.93
C GLY F 50 3.55 1.37 -9.07
N ALA F 51 3.39 0.86 -10.30
CA ALA F 51 3.20 1.63 -11.52
C ALA F 51 4.42 2.42 -11.95
N THR F 52 5.22 2.94 -11.01
CA THR F 52 6.28 3.86 -11.43
C THR F 52 7.62 3.64 -10.73
N SER F 53 7.75 2.63 -9.89
CA SER F 53 8.95 2.43 -9.07
C SER F 53 9.82 1.31 -9.65
N LEU F 54 11.12 1.58 -9.76
CA LEU F 54 12.08 0.58 -10.23
C LEU F 54 12.20 -0.55 -9.21
N ALA F 55 12.18 -1.79 -9.70
CA ALA F 55 12.27 -2.93 -8.80
C ALA F 55 13.70 -3.10 -8.30
N ASP F 56 13.86 -4.00 -7.33
CA ASP F 56 15.17 -4.22 -6.72
C ASP F 56 16.15 -4.74 -7.76
N GLY F 57 17.34 -4.14 -7.80
CA GLY F 57 18.38 -4.58 -8.69
C GLY F 57 18.11 -4.39 -10.17
N VAL F 58 17.24 -3.45 -10.53
CA VAL F 58 16.95 -3.19 -11.94
C VAL F 58 17.83 -2.04 -12.41
N PRO F 59 18.46 -2.15 -13.58
CA PRO F 59 19.27 -1.04 -14.10
C PRO F 59 18.47 0.26 -14.22
N SER F 60 19.16 1.38 -14.02
CA SER F 60 18.50 2.67 -13.91
C SER F 60 17.95 3.19 -15.23
N ARG F 61 18.29 2.56 -16.37
CA ARG F 61 17.82 3.04 -17.66
C ARG F 61 16.34 2.78 -17.88
N PHE F 62 15.66 2.13 -16.94
CA PHE F 62 14.22 1.93 -17.01
C PHE F 62 13.48 3.03 -16.25
N SER F 63 12.27 3.31 -16.71
CA SER F 63 11.42 4.32 -16.09
C SER F 63 9.97 3.98 -16.44
N ALA F 64 9.06 4.58 -15.68
CA ALA F 64 7.64 4.42 -15.99
C ALA F 64 6.86 5.58 -15.39
N SER F 65 5.75 5.91 -16.03
CA SER F 65 4.85 6.97 -15.62
C SER F 65 3.42 6.44 -15.69
N ARG F 66 2.47 7.30 -15.34
CA ARG F 66 1.08 6.89 -15.31
C ARG F 66 0.17 8.05 -15.69
N SER F 67 -0.85 7.75 -16.49
CA SER F 67 -2.04 8.56 -16.60
C SER F 67 -3.23 7.73 -16.12
N GLY F 68 -4.40 8.37 -16.09
CA GLY F 68 -5.62 7.79 -15.55
C GLY F 68 -5.76 6.28 -15.72
N THR F 69 -5.93 5.83 -16.96
CA THR F 69 -5.97 4.40 -17.28
C THR F 69 -4.85 3.98 -18.23
N GLN F 70 -3.90 4.86 -18.51
CA GLN F 70 -2.81 4.56 -19.43
C GLN F 70 -1.49 4.52 -18.67
N TYR F 71 -0.71 3.47 -18.91
CA TYR F 71 0.54 3.22 -18.21
C TYR F 71 1.63 2.97 -19.24
N SER F 72 2.77 3.63 -19.09
CA SER F 72 3.84 3.55 -20.07
C SER F 72 5.16 3.16 -19.42
N LEU F 73 5.91 2.32 -20.12
CA LEU F 73 7.25 1.91 -19.72
C LEU F 73 8.26 2.48 -20.71
N LYS F 74 9.34 3.07 -20.20
CA LYS F 74 10.32 3.75 -21.03
C LYS F 74 11.72 3.20 -20.74
N ILE F 75 12.44 2.86 -21.80
CA ILE F 75 13.84 2.49 -21.71
C ILE F 75 14.67 3.64 -22.26
N SER F 76 15.50 4.24 -21.41
CA SER F 76 16.25 5.43 -21.77
C SER F 76 17.26 5.13 -22.87
N ARG F 77 18.32 4.39 -22.54
CA ARG F 77 19.37 4.05 -23.48
C ARG F 77 19.35 2.53 -23.66
N LEU F 78 18.91 2.10 -24.83
CA LEU F 78 18.66 0.68 -25.07
C LEU F 78 19.96 -0.11 -25.10
N GLN F 79 19.98 -1.24 -24.41
CA GLN F 79 21.13 -2.13 -24.38
C GLN F 79 20.75 -3.50 -24.92
N VAL F 80 21.77 -4.30 -25.26
CA VAL F 80 21.53 -5.57 -25.92
C VAL F 80 20.79 -6.55 -25.01
N GLU F 81 21.04 -6.48 -23.70
CA GLU F 81 20.37 -7.39 -22.77
C GLU F 81 18.89 -7.08 -22.60
N ASP F 82 18.39 -6.02 -23.22
CA ASP F 82 17.02 -5.56 -23.02
C ASP F 82 16.08 -6.01 -24.12
N PHE F 83 16.47 -7.01 -24.90
CA PHE F 83 15.63 -7.50 -26.00
C PHE F 83 14.83 -8.71 -25.53
N GLY F 84 13.53 -8.67 -25.78
CA GLY F 84 12.65 -9.75 -25.35
C GLY F 84 11.20 -9.31 -25.46
N ILE F 85 10.34 -9.98 -24.68
CA ILE F 85 8.92 -9.69 -24.63
C ILE F 85 8.60 -9.06 -23.28
N PHE F 86 7.84 -7.97 -23.30
CA PHE F 86 7.46 -7.24 -22.10
C PHE F 86 5.96 -7.37 -21.86
N TYR F 87 5.59 -7.55 -20.59
CA TYR F 87 4.19 -7.69 -20.20
C TYR F 87 3.86 -6.68 -19.11
N CYS F 88 2.63 -6.19 -19.12
CA CYS F 88 2.10 -5.35 -18.06
C CYS F 88 1.03 -6.12 -17.29
N LEU F 89 0.98 -5.93 -15.97
CA LEU F 89 0.12 -6.72 -15.10
C LEU F 89 -0.67 -5.78 -14.20
N GLN F 90 -1.97 -6.04 -14.08
CA GLN F 90 -2.83 -5.33 -13.15
C GLN F 90 -3.12 -6.21 -11.94
N GLY F 91 -3.18 -5.59 -10.76
CA GLY F 91 -3.38 -6.37 -9.55
C GLY F 91 -4.47 -5.83 -8.63
N GLN F 92 -5.37 -5.01 -9.15
CA GLN F 92 -6.42 -4.48 -8.30
C GLN F 92 -7.51 -5.52 -8.06
N SER F 93 -8.02 -6.11 -9.13
CA SER F 93 -9.17 -7.00 -9.05
C SER F 93 -8.82 -8.37 -9.60
N THR F 94 -9.60 -9.34 -9.16
CA THR F 94 -9.61 -10.71 -9.66
C THR F 94 -10.55 -10.81 -10.85
N PRO F 95 -10.15 -11.45 -11.96
CA PRO F 95 -8.83 -12.09 -12.12
C PRO F 95 -7.74 -11.09 -12.48
N TYR F 96 -6.56 -11.26 -11.87
CA TYR F 96 -5.40 -10.48 -12.26
C TYR F 96 -5.11 -10.74 -13.73
N THR F 97 -4.93 -9.66 -14.50
CA THR F 97 -4.91 -9.73 -15.95
C THR F 97 -3.56 -9.24 -16.48
N PHE F 98 -2.99 -9.99 -17.40
CA PHE F 98 -1.75 -9.63 -18.08
C PHE F 98 -2.04 -8.93 -19.40
N GLY F 99 -1.03 -8.20 -19.89
CA GLY F 99 -1.13 -7.59 -21.20
C GLY F 99 -0.87 -8.59 -22.31
N ALA F 100 -1.15 -8.15 -23.54
CA ALA F 100 -0.94 -9.04 -24.69
C ALA F 100 0.54 -9.28 -24.94
N GLY F 101 1.40 -8.33 -24.61
CA GLY F 101 2.83 -8.47 -24.78
C GLY F 101 3.38 -7.54 -25.85
N THR F 102 4.68 -7.28 -25.75
CA THR F 102 5.38 -6.45 -26.72
C THR F 102 6.75 -7.06 -27.00
N LYS F 103 7.00 -7.43 -28.26
CA LYS F 103 8.26 -8.03 -28.66
C LYS F 103 9.22 -6.94 -29.12
N LEU F 104 10.39 -6.87 -28.47
CA LEU F 104 11.45 -5.95 -28.85
C LEU F 104 12.44 -6.66 -29.76
N GLU F 105 12.67 -6.10 -30.94
CA GLU F 105 13.44 -6.76 -32.00
C GLU F 105 14.56 -5.84 -32.49
N LEU F 106 15.71 -6.44 -32.80
CA LEU F 106 16.86 -5.67 -33.25
C LEU F 106 16.64 -5.20 -34.68
N LYS F 107 16.72 -3.89 -34.90
CA LYS F 107 16.48 -3.33 -36.22
C LYS F 107 17.54 -3.81 -37.21
N ARG F 108 17.19 -3.79 -38.49
CA ARG F 108 18.05 -4.28 -39.53
C ARG F 108 17.58 -3.71 -40.86
N THR F 109 18.51 -3.61 -41.82
CA THR F 109 18.13 -3.24 -43.17
C THR F 109 17.27 -4.34 -43.79
N ASP F 110 16.42 -3.94 -44.74
CA ASP F 110 15.51 -4.89 -45.36
C ASP F 110 16.28 -5.99 -46.08
N ALA F 111 15.64 -7.15 -46.21
CA ALA F 111 16.23 -8.29 -46.90
C ALA F 111 15.12 -9.10 -47.54
N ALA F 112 15.29 -9.42 -48.83
CA ALA F 112 14.34 -10.26 -49.53
C ALA F 112 14.60 -11.73 -49.23
N PRO F 113 13.56 -12.56 -49.20
CA PRO F 113 13.74 -13.97 -48.86
C PRO F 113 14.32 -14.78 -50.01
N THR F 114 14.87 -15.93 -49.67
CA THR F 114 15.39 -16.90 -50.63
C THR F 114 14.39 -18.06 -50.68
N VAL F 115 13.53 -18.05 -51.70
CA VAL F 115 12.42 -18.98 -51.78
C VAL F 115 12.91 -20.30 -52.37
N SER F 116 12.57 -21.41 -51.71
CA SER F 116 12.92 -22.75 -52.16
C SER F 116 11.65 -23.60 -52.17
N ILE F 117 11.25 -24.06 -53.35
CA ILE F 117 10.03 -24.86 -53.50
C ILE F 117 10.44 -26.30 -53.76
N PHE F 118 9.72 -27.23 -53.13
CA PHE F 118 10.06 -28.66 -53.17
C PHE F 118 8.81 -29.47 -53.45
N PRO F 119 8.77 -30.23 -54.53
CA PRO F 119 7.70 -31.23 -54.70
C PRO F 119 7.82 -32.32 -53.66
N PRO F 120 6.77 -33.11 -53.46
CA PRO F 120 6.80 -34.13 -52.40
C PRO F 120 7.90 -35.15 -52.61
N SER F 121 8.13 -35.94 -51.57
CA SER F 121 9.18 -36.95 -51.55
C SER F 121 8.68 -38.25 -52.17
N SER F 122 9.64 -39.06 -52.64
CA SER F 122 9.28 -40.36 -53.21
C SER F 122 8.73 -41.30 -52.14
N GLU F 123 9.39 -41.34 -50.97
CA GLU F 123 8.91 -42.18 -49.88
C GLU F 123 7.55 -41.70 -49.36
N GLN F 124 7.26 -40.40 -49.49
CA GLN F 124 5.97 -39.88 -49.06
C GLN F 124 4.86 -40.39 -49.95
N LEU F 125 5.05 -40.31 -51.28
CA LEU F 125 4.02 -40.74 -52.23
C LEU F 125 3.67 -42.21 -52.07
N THR F 126 4.54 -43.01 -51.45
CA THR F 126 4.23 -44.41 -51.19
C THR F 126 3.27 -44.57 -50.01
N SER F 127 3.36 -43.68 -49.03
CA SER F 127 2.52 -43.75 -47.83
C SER F 127 1.13 -43.14 -48.04
N GLY F 128 0.70 -42.94 -49.28
CA GLY F 128 -0.61 -42.40 -49.57
C GLY F 128 -0.77 -40.91 -49.41
N GLY F 129 0.28 -40.21 -48.95
CA GLY F 129 0.23 -38.78 -48.77
C GLY F 129 1.33 -38.07 -49.54
N ALA F 130 1.21 -36.75 -49.61
CA ALA F 130 2.19 -35.93 -50.33
C ALA F 130 2.14 -34.51 -49.78
N SER F 131 3.30 -33.97 -49.43
CA SER F 131 3.39 -32.64 -48.85
C SER F 131 4.36 -31.78 -49.66
N VAL F 132 3.89 -30.62 -50.10
CA VAL F 132 4.72 -29.66 -50.82
C VAL F 132 5.26 -28.65 -49.80
N VAL F 133 6.57 -28.38 -49.88
CA VAL F 133 7.26 -27.55 -48.91
C VAL F 133 7.89 -26.37 -49.63
N CYS F 134 7.58 -25.16 -49.16
CA CYS F 134 8.12 -23.94 -49.74
C CYS F 134 8.74 -23.10 -48.63
N PHE F 135 10.05 -22.88 -48.71
CA PHE F 135 10.80 -22.13 -47.71
C PHE F 135 10.97 -20.68 -48.11
N LEU F 136 11.13 -19.83 -47.10
CA LEU F 136 11.34 -18.39 -47.27
C LEU F 136 12.32 -17.98 -46.18
N ASN F 137 13.61 -17.92 -46.53
CA ASN F 137 14.69 -17.83 -45.54
C ASN F 137 15.40 -16.48 -45.59
N ASN F 138 15.75 -15.99 -44.39
CA ASN F 138 16.64 -14.84 -44.21
C ASN F 138 16.08 -13.59 -44.90
N PHE F 139 15.02 -13.06 -44.31
CA PHE F 139 14.35 -11.86 -44.80
C PHE F 139 14.02 -10.93 -43.64
N TYR F 140 13.67 -9.68 -43.98
CA TYR F 140 13.34 -8.65 -43.02
C TYR F 140 12.59 -7.56 -43.77
N PRO F 141 11.52 -6.99 -43.20
CA PRO F 141 10.94 -7.26 -41.88
C PRO F 141 10.18 -8.58 -41.76
N LYS F 142 9.61 -8.83 -40.59
CA LYS F 142 8.99 -10.11 -40.30
C LYS F 142 7.65 -10.29 -41.00
N ASP F 143 6.98 -9.20 -41.39
CA ASP F 143 5.68 -9.31 -42.04
C ASP F 143 5.83 -9.88 -43.45
N ILE F 144 5.03 -10.88 -43.77
CA ILE F 144 5.10 -11.53 -45.08
C ILE F 144 3.79 -12.27 -45.31
N ASN F 145 3.44 -12.45 -46.59
CA ASN F 145 2.24 -13.18 -46.99
C ASN F 145 2.61 -14.21 -48.04
N VAL F 146 2.07 -15.42 -47.89
CA VAL F 146 2.35 -16.53 -48.80
C VAL F 146 1.03 -17.06 -49.34
N LYS F 147 0.99 -17.28 -50.66
CA LYS F 147 -0.18 -17.81 -51.33
C LYS F 147 0.22 -18.98 -52.19
N TRP F 148 -0.51 -20.09 -52.07
CA TRP F 148 -0.29 -21.26 -52.91
C TRP F 148 -1.19 -21.20 -54.14
N LYS F 149 -0.67 -21.71 -55.25
CA LYS F 149 -1.39 -21.72 -56.52
C LYS F 149 -1.25 -23.11 -57.14
N ILE F 150 -2.36 -23.86 -57.16
CA ILE F 150 -2.41 -25.16 -57.78
C ILE F 150 -3.02 -24.96 -59.17
N ASP F 151 -2.15 -24.90 -60.18
CA ASP F 151 -2.54 -24.62 -61.56
C ASP F 151 -3.22 -23.25 -61.68
N GLY F 152 -2.60 -22.24 -61.07
CA GLY F 152 -3.08 -20.88 -61.14
C GLY F 152 -4.16 -20.51 -60.13
N SER F 153 -4.86 -21.49 -59.56
CA SER F 153 -5.93 -21.22 -58.61
C SER F 153 -5.38 -21.15 -57.20
N GLU F 154 -5.77 -20.11 -56.47
CA GLU F 154 -5.28 -19.91 -55.10
C GLU F 154 -5.88 -20.96 -54.17
N ARG F 155 -5.01 -21.75 -53.54
CA ARG F 155 -5.43 -22.79 -52.61
C ARG F 155 -5.20 -22.31 -51.18
N GLN F 156 -6.24 -22.37 -50.36
CA GLN F 156 -6.19 -21.89 -48.98
C GLN F 156 -6.52 -22.97 -47.96
N ASN F 157 -6.59 -24.23 -48.39
CA ASN F 157 -6.95 -25.35 -47.51
C ASN F 157 -5.79 -26.33 -47.44
N GLY F 158 -5.34 -26.61 -46.21
CA GLY F 158 -4.26 -27.56 -46.00
C GLY F 158 -2.90 -26.95 -45.73
N VAL F 159 -2.84 -25.65 -45.43
CA VAL F 159 -1.57 -24.95 -45.21
C VAL F 159 -1.22 -25.03 -43.72
N LEU F 160 0.04 -25.37 -43.44
CA LEU F 160 0.55 -25.43 -42.06
C LEU F 160 1.94 -24.79 -42.07
N ASN F 161 1.97 -23.47 -41.98
CA ASN F 161 3.21 -22.69 -42.03
C ASN F 161 3.57 -22.19 -40.64
N SER F 162 4.86 -22.25 -40.32
CA SER F 162 5.37 -21.78 -39.03
C SER F 162 6.57 -20.88 -39.27
N TRP F 163 6.56 -19.71 -38.64
CA TRP F 163 7.66 -18.76 -38.71
C TRP F 163 8.70 -19.10 -37.66
N THR F 164 9.84 -18.43 -37.74
CA THR F 164 10.91 -18.61 -36.76
C THR F 164 11.28 -17.26 -36.17
N ASP F 165 11.90 -17.31 -34.99
CA ASP F 165 12.37 -16.10 -34.33
C ASP F 165 13.61 -15.57 -35.06
N GLN F 166 13.82 -14.26 -34.97
CA GLN F 166 14.90 -13.65 -35.74
C GLN F 166 16.24 -14.21 -35.33
N ASP F 167 17.14 -14.34 -36.32
CA ASP F 167 18.42 -14.99 -36.12
C ASP F 167 19.32 -14.17 -35.21
N SER F 168 20.31 -14.85 -34.64
CA SER F 168 21.30 -14.23 -33.76
C SER F 168 22.43 -13.57 -34.52
N LYS F 169 22.83 -14.14 -35.66
CA LYS F 169 23.97 -13.60 -36.39
C LYS F 169 23.57 -12.42 -37.28
N ASP F 170 22.45 -12.54 -37.99
CA ASP F 170 22.04 -11.54 -38.97
C ASP F 170 20.70 -10.87 -38.66
N SER F 171 19.97 -11.32 -37.65
CA SER F 171 18.70 -10.71 -37.25
C SER F 171 17.69 -10.74 -38.40
N THR F 172 17.54 -11.91 -39.00
CA THR F 172 16.59 -12.13 -40.09
C THR F 172 15.65 -13.26 -39.71
N TYR F 173 14.41 -13.15 -40.17
CA TYR F 173 13.38 -14.15 -39.89
C TYR F 173 13.34 -15.19 -41.02
N SER F 174 12.61 -16.27 -40.78
CA SER F 174 12.45 -17.33 -41.75
C SER F 174 11.10 -18.00 -41.56
N MET F 175 10.47 -18.37 -42.69
CA MET F 175 9.15 -18.97 -42.68
C MET F 175 9.15 -20.21 -43.55
N SER F 176 8.39 -21.22 -43.15
CA SER F 176 8.29 -22.48 -43.89
C SER F 176 6.82 -22.85 -44.04
N SER F 177 6.31 -22.80 -45.28
CA SER F 177 4.95 -23.18 -45.57
C SER F 177 4.91 -24.62 -46.08
N THR F 178 3.98 -25.41 -45.55
CA THR F 178 3.83 -26.81 -45.90
C THR F 178 2.40 -27.07 -46.34
N LEU F 179 2.24 -27.73 -47.49
CA LEU F 179 0.93 -28.01 -48.06
C LEU F 179 0.82 -29.52 -48.29
N THR F 180 0.20 -30.21 -47.35
CA THR F 180 0.03 -31.66 -47.44
C THR F 180 -1.31 -31.98 -48.10
N LEU F 181 -1.27 -32.87 -49.08
CA LEU F 181 -2.47 -33.27 -49.80
C LEU F 181 -2.45 -34.78 -50.03
N THR F 182 -3.62 -35.33 -50.36
CA THR F 182 -3.71 -36.75 -50.63
C THR F 182 -3.01 -37.10 -51.94
N LYS F 183 -2.43 -38.30 -51.99
CA LYS F 183 -1.71 -38.73 -53.19
C LYS F 183 -2.61 -38.74 -54.41
N ASP F 184 -3.91 -39.04 -54.23
CA ASP F 184 -4.83 -39.03 -55.36
C ASP F 184 -5.14 -37.60 -55.81
N GLU F 185 -5.13 -36.64 -54.89
CA GLU F 185 -5.27 -35.24 -55.25
C GLU F 185 -3.94 -34.57 -55.55
N TYR F 186 -2.80 -35.19 -55.21
CA TYR F 186 -1.52 -34.58 -55.54
C TYR F 186 -1.09 -34.88 -56.98
N GLU F 187 -1.48 -36.04 -57.50
CA GLU F 187 -1.17 -36.42 -58.87
C GLU F 187 -2.24 -36.00 -59.87
N ARG F 188 -3.41 -35.56 -59.40
CA ARG F 188 -4.44 -35.09 -60.32
C ARG F 188 -4.04 -33.79 -61.00
N HIS F 189 -3.48 -32.86 -60.24
CA HIS F 189 -3.02 -31.59 -60.80
C HIS F 189 -1.56 -31.69 -61.23
N ASN F 190 -1.10 -30.66 -61.94
CA ASN F 190 0.21 -30.67 -62.58
C ASN F 190 1.17 -29.64 -62.00
N SER F 191 0.77 -28.37 -61.90
CA SER F 191 1.67 -27.29 -61.52
C SER F 191 1.24 -26.71 -60.17
N TYR F 192 2.21 -26.54 -59.28
CA TYR F 192 1.99 -25.93 -57.96
C TYR F 192 2.97 -24.79 -57.80
N THR F 193 2.45 -23.58 -57.55
CA THR F 193 3.27 -22.38 -57.42
C THR F 193 3.28 -21.90 -55.98
N CYS F 194 4.31 -21.13 -55.64
CA CYS F 194 4.49 -20.54 -54.31
C CYS F 194 4.66 -19.03 -54.48
N GLU F 195 3.64 -18.26 -54.11
CA GLU F 195 3.66 -16.81 -54.22
C GLU F 195 3.99 -16.20 -52.86
N ALA F 196 4.88 -15.19 -52.88
CA ALA F 196 5.34 -14.54 -51.65
C ALA F 196 5.43 -13.04 -51.89
N THR F 197 4.53 -12.28 -51.26
CA THR F 197 4.56 -10.83 -51.31
C THR F 197 5.31 -10.29 -50.10
N HIS F 198 6.08 -9.23 -50.31
CA HIS F 198 6.88 -8.66 -49.23
C HIS F 198 7.09 -7.17 -49.51
N LYS F 199 7.49 -6.45 -48.47
CA LYS F 199 7.77 -5.02 -48.59
C LYS F 199 9.06 -4.75 -49.38
N THR F 200 9.83 -5.78 -49.71
CA THR F 200 11.07 -5.56 -50.44
C THR F 200 10.86 -5.43 -51.95
N SER F 201 9.89 -6.16 -52.49
CA SER F 201 9.65 -6.16 -53.93
C SER F 201 8.17 -5.89 -54.21
N THR F 202 7.91 -5.06 -55.21
CA THR F 202 6.52 -4.80 -55.60
C THR F 202 5.92 -5.98 -56.33
N SER F 203 6.75 -6.82 -56.95
CA SER F 203 6.29 -8.01 -57.65
C SER F 203 6.46 -9.22 -56.74
N PRO F 204 5.40 -9.97 -56.45
CA PRO F 204 5.55 -11.14 -55.57
C PRO F 204 6.43 -12.20 -56.21
N ILE F 205 7.38 -12.72 -55.43
CA ILE F 205 8.27 -13.76 -55.93
C ILE F 205 7.47 -15.04 -56.14
N VAL F 206 7.58 -15.61 -57.34
CA VAL F 206 6.84 -16.80 -57.73
C VAL F 206 7.84 -17.91 -58.04
N LYS F 207 7.65 -19.07 -57.41
CA LYS F 207 8.40 -20.28 -57.70
C LYS F 207 7.42 -21.43 -57.83
N SER F 208 7.51 -22.17 -58.93
CA SER F 208 6.55 -23.22 -59.23
C SER F 208 7.27 -24.48 -59.68
N PHE F 209 6.50 -25.57 -59.80
CA PHE F 209 7.00 -26.84 -60.28
C PHE F 209 5.88 -27.56 -61.03
N ASN F 210 6.17 -28.03 -62.24
CA ASN F 210 5.20 -28.70 -63.08
C ASN F 210 5.48 -30.19 -63.12
N ARG F 211 4.42 -31.00 -62.98
CA ARG F 211 4.56 -32.45 -63.08
C ARG F 211 4.87 -32.92 -64.49
N ASN F 212 4.76 -32.06 -65.49
CA ASN F 212 5.12 -32.43 -66.85
C ASN F 212 6.59 -32.84 -66.93
N GLU F 213 7.48 -31.96 -66.50
CA GLU F 213 8.91 -32.25 -66.48
C GLU F 213 9.29 -33.04 -65.23
N ASP G 1 21.05 -17.89 -3.27
CA ASP G 1 20.20 -16.91 -2.60
C ASP G 1 18.74 -17.33 -2.66
N VAL G 2 17.88 -16.44 -3.16
CA VAL G 2 16.46 -16.72 -3.28
C VAL G 2 16.24 -17.59 -4.52
N GLN G 3 15.43 -18.65 -4.37
CA GLN G 3 15.19 -19.57 -5.47
C GLN G 3 13.90 -20.33 -5.24
N LEU G 4 13.04 -20.37 -6.25
CA LEU G 4 11.87 -21.23 -6.28
C LEU G 4 12.07 -22.31 -7.33
N VAL G 5 11.57 -23.52 -7.05
CA VAL G 5 11.77 -24.67 -7.92
C VAL G 5 10.44 -25.40 -8.08
N GLU G 6 10.03 -25.60 -9.32
CA GLU G 6 8.81 -26.33 -9.62
C GLU G 6 9.13 -27.79 -9.93
N SER G 7 8.24 -28.69 -9.53
CA SER G 7 8.40 -30.11 -9.76
C SER G 7 7.06 -30.75 -10.06
N GLY G 8 7.11 -31.84 -10.81
CA GLY G 8 5.94 -32.69 -11.00
C GLY G 8 5.16 -32.48 -12.27
N GLY G 9 5.71 -31.77 -13.25
CA GLY G 9 5.02 -31.58 -14.51
C GLY G 9 5.31 -32.71 -15.48
N GLY G 10 4.29 -33.08 -16.24
CA GLY G 10 4.45 -34.17 -17.19
C GLY G 10 3.24 -34.27 -18.10
N LEU G 11 3.40 -35.13 -19.11
CA LEU G 11 2.33 -35.37 -20.06
C LEU G 11 1.21 -36.17 -19.41
N VAL G 12 -0.03 -35.71 -19.61
CA VAL G 12 -1.20 -36.30 -18.98
C VAL G 12 -2.33 -36.38 -19.99
N GLN G 13 -3.22 -37.38 -19.79
CA GLN G 13 -4.34 -37.57 -20.69
C GLN G 13 -5.49 -36.63 -20.32
N PRO G 14 -6.37 -36.32 -21.28
CA PRO G 14 -7.55 -35.52 -20.94
C PRO G 14 -8.41 -36.22 -19.90
N GLY G 15 -8.99 -35.42 -19.00
CA GLY G 15 -9.74 -35.94 -17.90
C GLY G 15 -8.92 -36.43 -16.72
N ARG G 16 -7.59 -36.48 -16.84
CA ARG G 16 -6.78 -37.00 -15.76
C ARG G 16 -6.53 -35.90 -14.71
N SER G 17 -5.71 -36.23 -13.72
CA SER G 17 -5.36 -35.32 -12.64
C SER G 17 -3.85 -35.25 -12.51
N LEU G 18 -3.38 -34.20 -11.85
CA LEU G 18 -1.94 -33.98 -11.71
C LEU G 18 -1.72 -33.05 -10.53
N LYS G 19 -0.53 -33.15 -9.92
CA LYS G 19 -0.18 -32.37 -8.75
C LYS G 19 1.17 -31.69 -8.98
N LEU G 20 1.19 -30.37 -8.87
CA LEU G 20 2.40 -29.58 -9.06
C LEU G 20 2.92 -29.10 -7.72
N SER G 21 4.24 -28.99 -7.62
CA SER G 21 4.91 -28.61 -6.39
C SER G 21 5.86 -27.46 -6.63
N CYS G 22 5.96 -26.57 -5.64
CA CYS G 22 6.83 -25.40 -5.70
C CYS G 22 7.69 -25.37 -4.44
N ALA G 23 9.00 -25.54 -4.62
CA ALA G 23 9.94 -25.55 -3.51
C ALA G 23 10.52 -24.16 -3.33
N ALA G 24 10.33 -23.57 -2.16
CA ALA G 24 10.79 -22.22 -1.87
C ALA G 24 11.98 -22.25 -0.92
N SER G 25 12.95 -21.38 -1.18
CA SER G 25 14.12 -21.26 -0.33
C SER G 25 14.76 -19.89 -0.55
N GLY G 26 15.26 -19.29 0.53
CA GLY G 26 15.93 -18.01 0.48
C GLY G 26 15.14 -16.85 1.04
N PHE G 27 13.95 -17.08 1.58
CA PHE G 27 13.13 -16.00 2.11
C PHE G 27 12.12 -16.58 3.08
N THR G 28 11.41 -15.69 3.76
CA THR G 28 10.36 -16.10 4.68
C THR G 28 9.11 -16.44 3.86
N PHE G 29 8.88 -17.75 3.67
CA PHE G 29 7.77 -18.18 2.83
C PHE G 29 6.42 -17.77 3.43
N SER G 30 6.32 -17.74 4.76
CA SER G 30 5.08 -17.37 5.42
C SER G 30 4.76 -15.88 5.29
N ALA G 31 5.63 -15.08 4.68
CA ALA G 31 5.45 -13.64 4.60
C ALA G 31 5.10 -13.16 3.21
N TYR G 32 4.51 -14.01 2.37
CA TYR G 32 4.22 -13.67 0.99
C TYR G 32 2.92 -14.33 0.56
N TYR G 33 2.08 -13.58 -0.15
CA TYR G 33 1.07 -14.21 -0.98
C TYR G 33 1.75 -15.04 -2.07
N MET G 34 1.17 -16.19 -2.37
CA MET G 34 1.73 -17.08 -3.39
C MET G 34 0.72 -17.27 -4.51
N ALA G 35 1.22 -17.37 -5.74
CA ALA G 35 0.36 -17.42 -6.92
C ALA G 35 0.98 -18.28 -7.99
N TRP G 36 0.11 -18.90 -8.80
CA TRP G 36 0.50 -19.66 -9.98
C TRP G 36 0.18 -18.87 -11.24
N VAL G 37 1.10 -18.87 -12.20
CA VAL G 37 0.94 -18.14 -13.45
C VAL G 37 1.43 -19.02 -14.59
N ARG G 38 0.53 -19.37 -15.50
CA ARG G 38 0.84 -20.24 -16.63
C ARG G 38 0.90 -19.44 -17.93
N GLN G 39 1.59 -20.02 -18.92
CA GLN G 39 1.55 -19.50 -20.28
C GLN G 39 1.66 -20.66 -21.26
N ALA G 40 0.78 -20.67 -22.25
CA ALA G 40 0.77 -21.72 -23.26
C ALA G 40 1.91 -21.51 -24.24
N PRO G 41 2.38 -22.58 -24.90
CA PRO G 41 3.43 -22.42 -25.91
C PRO G 41 3.01 -21.44 -27.00
N THR G 42 3.93 -20.56 -27.37
CA THR G 42 3.70 -19.51 -28.36
C THR G 42 2.50 -18.63 -27.98
N LYS G 43 2.39 -18.31 -26.69
CA LYS G 43 1.29 -17.53 -26.17
C LYS G 43 1.79 -16.65 -25.03
N GLY G 44 0.88 -15.84 -24.49
CA GLY G 44 1.23 -14.90 -23.44
C GLY G 44 0.93 -15.44 -22.04
N LEU G 45 1.17 -14.58 -21.05
CA LEU G 45 1.06 -14.98 -19.65
C LEU G 45 -0.40 -14.93 -19.18
N GLU G 46 -0.78 -15.93 -18.40
CA GLU G 46 -2.15 -16.07 -17.90
C GLU G 46 -2.12 -16.39 -16.42
N TRP G 47 -2.78 -15.55 -15.62
CA TRP G 47 -2.90 -15.79 -14.19
C TRP G 47 -3.80 -16.99 -13.93
N VAL G 48 -3.46 -17.78 -12.91
CA VAL G 48 -4.17 -19.02 -12.61
C VAL G 48 -4.82 -18.96 -11.24
N ALA G 49 -4.01 -18.86 -10.19
CA ALA G 49 -4.53 -18.90 -8.83
C ALA G 49 -3.60 -18.15 -7.89
N SER G 50 -4.17 -17.68 -6.78
CA SER G 50 -3.42 -17.02 -5.72
C SER G 50 -3.91 -17.53 -4.38
N ILE G 51 -3.05 -17.39 -3.36
CA ILE G 51 -3.36 -17.85 -2.01
C ILE G 51 -2.69 -16.91 -1.00
N ASN G 52 -3.40 -16.64 0.09
CA ASN G 52 -2.93 -15.68 1.09
C ASN G 52 -1.91 -16.33 2.02
N TYR G 53 -1.51 -15.60 3.06
CA TYR G 53 -0.42 -16.02 3.93
C TYR G 53 -0.76 -17.35 4.63
N ASP G 54 -1.86 -17.38 5.36
CA ASP G 54 -2.26 -18.56 6.12
C ASP G 54 -3.06 -19.56 5.29
N GLY G 55 -3.17 -19.33 3.98
CA GLY G 55 -3.88 -20.25 3.10
C GLY G 55 -5.37 -20.30 3.28
N ALA G 56 -5.96 -19.44 4.12
CA ALA G 56 -7.40 -19.51 4.35
C ALA G 56 -8.18 -18.98 3.15
N ASN G 57 -7.59 -18.11 2.35
CA ASN G 57 -8.26 -17.49 1.21
C ASN G 57 -7.62 -17.96 -0.09
N THR G 58 -8.45 -18.40 -1.02
CA THR G 58 -8.00 -18.88 -2.33
C THR G 58 -8.77 -18.14 -3.42
N PHE G 59 -8.07 -17.81 -4.50
CA PHE G 59 -8.64 -17.07 -5.61
C PHE G 59 -8.21 -17.73 -6.91
N TYR G 60 -9.18 -18.22 -7.68
CA TYR G 60 -8.91 -18.96 -8.90
C TYR G 60 -9.42 -18.22 -10.12
N ARG G 61 -8.87 -18.58 -11.27
CA ARG G 61 -9.35 -18.10 -12.56
C ARG G 61 -10.63 -18.83 -12.94
N ASP G 62 -11.48 -18.15 -13.72
CA ASP G 62 -12.76 -18.73 -14.10
C ASP G 62 -12.59 -20.00 -14.93
N SER G 63 -11.53 -20.08 -15.73
CA SER G 63 -11.26 -21.29 -16.52
C SER G 63 -11.08 -22.52 -15.65
N VAL G 64 -10.67 -22.34 -14.39
CA VAL G 64 -10.38 -23.47 -13.51
C VAL G 64 -11.16 -23.32 -12.22
N LYS G 65 -12.39 -22.83 -12.32
CA LYS G 65 -13.16 -22.42 -11.15
C LYS G 65 -13.35 -23.58 -10.16
N GLY G 66 -13.77 -24.73 -10.65
CA GLY G 66 -14.04 -25.86 -9.78
C GLY G 66 -13.10 -27.02 -9.94
N ARG G 67 -12.11 -26.89 -10.82
CA ARG G 67 -11.23 -27.99 -11.16
C ARG G 67 -9.89 -27.92 -10.45
N PHE G 68 -9.28 -26.74 -10.38
CA PHE G 68 -7.98 -26.58 -9.72
C PHE G 68 -8.18 -26.30 -8.24
N THR G 69 -7.13 -26.59 -7.46
CA THR G 69 -7.15 -26.33 -6.02
C THR G 69 -5.72 -26.03 -5.59
N VAL G 70 -5.48 -24.80 -5.15
CA VAL G 70 -4.17 -24.39 -4.68
C VAL G 70 -4.13 -24.56 -3.16
N SER G 71 -2.99 -25.05 -2.66
CA SER G 71 -2.80 -25.31 -1.25
C SER G 71 -1.41 -24.84 -0.85
N ARG G 72 -1.22 -24.71 0.46
CA ARG G 72 0.00 -24.09 0.99
C ARG G 72 0.40 -24.77 2.28
N ASP G 73 1.65 -25.20 2.35
CA ASP G 73 2.24 -25.80 3.55
C ASP G 73 3.38 -24.88 3.97
N ASN G 74 3.09 -23.95 4.88
CA ASN G 74 4.10 -22.96 5.28
C ASN G 74 5.25 -23.61 6.02
N ALA G 75 4.95 -24.61 6.85
CA ALA G 75 6.01 -25.30 7.59
C ALA G 75 7.01 -25.94 6.65
N ARG G 76 6.54 -26.46 5.51
CA ARG G 76 7.40 -27.09 4.53
C ARG G 76 7.92 -26.11 3.48
N SER G 77 7.46 -24.86 3.49
CA SER G 77 7.85 -23.84 2.51
C SER G 77 7.58 -24.30 1.08
N SER G 78 6.40 -24.88 0.88
CA SER G 78 6.03 -25.46 -0.40
C SER G 78 4.63 -25.00 -0.82
N LEU G 79 4.47 -24.79 -2.12
CA LEU G 79 3.20 -24.39 -2.73
C LEU G 79 2.75 -25.49 -3.69
N TYR G 80 1.48 -25.89 -3.58
CA TYR G 80 0.95 -26.99 -4.36
C TYR G 80 -0.23 -26.53 -5.21
N LEU G 81 -0.48 -27.26 -6.28
CA LEU G 81 -1.60 -26.98 -7.17
C LEU G 81 -2.17 -28.29 -7.70
N GLN G 82 -3.42 -28.58 -7.36
CA GLN G 82 -4.08 -29.83 -7.75
C GLN G 82 -4.90 -29.58 -9.00
N MET G 83 -4.41 -30.09 -10.14
CA MET G 83 -5.04 -29.90 -11.44
C MET G 83 -5.87 -31.14 -11.77
N ASP G 84 -7.17 -31.07 -11.53
CA ASP G 84 -8.09 -32.16 -11.81
C ASP G 84 -8.92 -31.86 -13.06
N SER G 85 -9.40 -32.93 -13.69
CA SER G 85 -10.25 -32.84 -14.87
C SER G 85 -9.61 -32.00 -15.97
N LEU G 86 -8.34 -32.30 -16.24
CA LEU G 86 -7.54 -31.50 -17.16
C LEU G 86 -8.20 -31.40 -18.54
N ARG G 87 -7.97 -30.27 -19.21
CA ARG G 87 -8.49 -30.03 -20.54
C ARG G 87 -7.33 -29.71 -21.48
N SER G 88 -7.61 -29.75 -22.77
CA SER G 88 -6.59 -29.40 -23.76
C SER G 88 -6.14 -27.96 -23.60
N GLU G 89 -7.03 -27.08 -23.10
CA GLU G 89 -6.66 -25.68 -22.93
C GLU G 89 -5.61 -25.50 -21.84
N ASP G 90 -5.60 -26.39 -20.84
CA ASP G 90 -4.67 -26.27 -19.73
C ASP G 90 -3.23 -26.64 -20.08
N THR G 91 -2.93 -26.94 -21.34
CA THR G 91 -1.56 -27.25 -21.75
C THR G 91 -0.74 -25.97 -21.73
N ALA G 92 0.19 -25.86 -20.79
CA ALA G 92 0.97 -24.64 -20.63
C ALA G 92 2.15 -24.94 -19.71
N THR G 93 3.09 -24.02 -19.69
CA THR G 93 4.20 -24.05 -18.74
C THR G 93 3.80 -23.25 -17.50
N TYR G 94 3.97 -23.86 -16.33
CA TYR G 94 3.43 -23.33 -15.09
C TYR G 94 4.53 -22.77 -14.20
N TYR G 95 4.34 -21.56 -13.72
CA TYR G 95 5.25 -20.89 -12.80
C TYR G 95 4.58 -20.68 -11.45
N CYS G 96 5.40 -20.61 -10.41
CA CYS G 96 4.96 -20.17 -9.09
C CYS G 96 5.75 -18.92 -8.71
N THR G 97 5.04 -17.85 -8.38
CA THR G 97 5.66 -16.57 -8.07
C THR G 97 5.29 -16.12 -6.68
N THR G 98 6.06 -15.17 -6.17
CA THR G 98 5.73 -14.49 -4.92
C THR G 98 4.86 -13.29 -5.24
N GLU G 99 3.72 -13.18 -4.57
CA GLU G 99 2.82 -12.04 -4.73
C GLU G 99 3.05 -11.13 -3.51
N ALA G 100 3.90 -10.13 -3.70
CA ALA G 100 4.23 -9.20 -2.63
C ALA G 100 3.26 -8.02 -2.64
N TYR G 101 3.28 -7.25 -1.54
CA TYR G 101 2.40 -6.10 -1.39
C TYR G 101 3.18 -4.93 -0.82
N GLY G 102 3.14 -3.79 -1.53
CA GLY G 102 3.77 -2.57 -1.07
C GLY G 102 2.76 -1.52 -0.67
N TYR G 103 2.97 -0.27 -1.05
CA TYR G 103 2.03 0.81 -0.75
C TYR G 103 1.02 0.90 -1.88
N ASN G 104 -0.18 0.35 -1.64
CA ASN G 104 -1.28 0.37 -2.60
C ASN G 104 -0.85 -0.24 -3.94
N SER G 105 -0.11 -1.35 -3.86
CA SER G 105 0.42 -1.98 -5.06
C SER G 105 0.77 -3.43 -4.75
N ASN G 106 0.87 -4.22 -5.80
CA ASN G 106 1.32 -5.60 -5.69
C ASN G 106 2.10 -5.97 -6.94
N TRP G 107 2.86 -7.06 -6.85
CA TRP G 107 3.70 -7.49 -7.95
C TRP G 107 4.07 -8.96 -7.75
N PHE G 108 4.59 -9.56 -8.82
CA PHE G 108 5.18 -10.90 -8.78
C PHE G 108 6.70 -10.72 -8.78
N GLY G 109 7.30 -10.84 -7.61
CA GLY G 109 8.72 -10.53 -7.48
C GLY G 109 9.63 -11.67 -7.86
N TYR G 110 9.56 -12.77 -7.12
CA TYR G 110 10.42 -13.92 -7.31
C TYR G 110 9.69 -14.97 -8.14
N TRP G 111 10.30 -15.38 -9.24
CA TRP G 111 9.70 -16.35 -10.15
C TRP G 111 10.46 -17.66 -10.10
N GLY G 112 9.73 -18.76 -10.29
CA GLY G 112 10.34 -20.07 -10.33
C GLY G 112 10.90 -20.41 -11.70
N GLN G 113 11.56 -21.56 -11.77
CA GLN G 113 12.13 -22.01 -13.04
C GLN G 113 11.04 -22.39 -14.04
N GLY G 114 9.92 -22.94 -13.55
CA GLY G 114 8.83 -23.34 -14.40
C GLY G 114 8.82 -24.82 -14.73
N THR G 115 7.62 -25.42 -14.73
CA THR G 115 7.45 -26.81 -15.12
C THR G 115 6.48 -26.86 -16.29
N LEU G 116 6.66 -27.88 -17.14
CA LEU G 116 5.88 -28.03 -18.36
C LEU G 116 4.80 -29.10 -18.17
N VAL G 117 3.57 -28.77 -18.56
CA VAL G 117 2.44 -29.68 -18.48
C VAL G 117 1.79 -29.75 -19.86
N THR G 118 1.59 -30.97 -20.36
CA THR G 118 0.98 -31.19 -21.67
C THR G 118 -0.22 -32.11 -21.52
N VAL G 119 -1.30 -31.80 -22.24
CA VAL G 119 -2.54 -32.57 -22.20
C VAL G 119 -2.87 -33.00 -23.61
N SER G 120 -2.68 -34.29 -23.90
CA SER G 120 -3.01 -34.85 -25.21
C SER G 120 -3.24 -36.35 -25.05
N SER G 121 -4.34 -36.84 -25.62
CA SER G 121 -4.71 -38.25 -25.50
C SER G 121 -3.93 -39.15 -26.45
N ALA G 122 -3.18 -38.57 -27.40
CA ALA G 122 -2.45 -39.37 -28.36
C ALA G 122 -1.36 -40.19 -27.69
N LYS G 123 -1.00 -41.31 -28.32
CA LYS G 123 0.06 -42.16 -27.83
C LYS G 123 1.38 -41.82 -28.51
N THR G 124 2.48 -42.33 -27.94
CA THR G 124 3.80 -42.03 -28.47
C THR G 124 3.96 -42.58 -29.88
N THR G 125 4.51 -41.75 -30.77
CA THR G 125 4.70 -42.13 -32.17
C THR G 125 6.00 -41.51 -32.67
N PRO G 126 6.88 -42.30 -33.27
CA PRO G 126 8.14 -41.75 -33.82
C PRO G 126 7.89 -41.00 -35.11
N PRO G 127 8.80 -40.13 -35.52
CA PRO G 127 8.59 -39.31 -36.72
C PRO G 127 8.82 -40.11 -38.00
N SER G 128 8.60 -39.44 -39.14
CA SER G 128 8.76 -40.02 -40.47
C SER G 128 9.50 -39.00 -41.33
N VAL G 129 10.82 -39.10 -41.37
CA VAL G 129 11.65 -38.13 -42.08
C VAL G 129 11.55 -38.37 -43.58
N TYR G 130 11.08 -37.38 -44.31
CA TYR G 130 11.06 -37.41 -45.76
C TYR G 130 12.06 -36.40 -46.31
N PRO G 131 12.87 -36.77 -47.32
CA PRO G 131 13.86 -35.84 -47.87
C PRO G 131 13.25 -34.82 -48.83
N ASN G 141 22.24 -20.25 -59.70
CA ASN G 141 22.20 -20.09 -58.26
C ASN G 141 23.52 -20.51 -57.63
N SER G 142 24.19 -19.56 -56.95
CA SER G 142 25.43 -19.86 -56.28
C SER G 142 25.21 -20.78 -55.08
N MET G 143 24.17 -20.53 -54.30
CA MET G 143 23.84 -21.32 -53.13
C MET G 143 22.74 -22.33 -53.47
N VAL G 144 22.83 -23.50 -52.83
CA VAL G 144 21.86 -24.58 -53.01
C VAL G 144 21.26 -24.89 -51.64
N THR G 145 19.95 -24.66 -51.50
CA THR G 145 19.25 -24.86 -50.24
C THR G 145 18.44 -26.15 -50.31
N LEU G 146 18.82 -27.12 -49.47
CA LEU G 146 18.12 -28.38 -49.34
C LEU G 146 17.63 -28.56 -47.91
N GLY G 147 16.60 -29.38 -47.76
CA GLY G 147 16.00 -29.60 -46.45
C GLY G 147 15.23 -30.88 -46.40
N CYS G 148 15.14 -31.47 -45.21
CA CYS G 148 14.40 -32.70 -44.98
C CYS G 148 13.31 -32.45 -43.93
N LEU G 149 12.12 -32.97 -44.18
CA LEU G 149 10.98 -32.73 -43.32
C LEU G 149 10.88 -33.80 -42.23
N VAL G 150 9.99 -33.54 -41.27
CA VAL G 150 9.70 -34.44 -40.15
C VAL G 150 8.21 -34.34 -39.85
N LYS G 151 7.46 -35.41 -40.11
CA LYS G 151 6.02 -35.39 -39.96
C LYS G 151 5.56 -36.55 -39.09
N GLY G 152 4.55 -36.29 -38.25
CA GLY G 152 3.90 -37.32 -37.48
C GLY G 152 4.67 -37.86 -36.29
N TYR G 153 4.99 -36.99 -35.33
CA TYR G 153 5.70 -37.41 -34.12
C TYR G 153 4.99 -36.87 -32.89
N PHE G 154 5.17 -37.58 -31.77
CA PHE G 154 4.53 -37.26 -30.50
C PHE G 154 5.23 -38.03 -29.39
N PRO G 155 5.63 -37.36 -28.29
CA PRO G 155 5.50 -35.91 -28.12
C PRO G 155 6.80 -35.17 -28.48
N GLU G 156 6.82 -33.87 -28.21
CA GLU G 156 8.04 -33.11 -28.33
C GLU G 156 8.98 -33.49 -27.19
N PRO G 157 10.29 -33.16 -27.31
CA PRO G 157 10.99 -32.46 -28.39
C PRO G 157 11.54 -33.36 -29.47
N VAL G 158 12.14 -32.74 -30.49
CA VAL G 158 12.83 -33.44 -31.57
C VAL G 158 14.08 -32.63 -31.91
N THR G 159 15.23 -33.30 -31.89
CA THR G 159 16.52 -32.65 -32.14
C THR G 159 16.97 -33.02 -33.56
N VAL G 160 16.93 -32.04 -34.47
CA VAL G 160 17.35 -32.23 -35.84
C VAL G 160 18.76 -31.68 -36.00
N THR G 161 19.67 -32.52 -36.52
CA THR G 161 21.04 -32.13 -36.79
C THR G 161 21.35 -32.36 -38.25
N TRP G 162 22.30 -31.58 -38.78
CA TRP G 162 22.68 -31.64 -40.18
C TRP G 162 24.16 -32.00 -40.29
N ASN G 163 24.45 -33.10 -40.99
CA ASN G 163 25.81 -33.60 -41.20
C ASN G 163 26.55 -33.83 -39.88
N SER G 164 25.80 -34.22 -38.84
CA SER G 164 26.35 -34.42 -37.50
C SER G 164 27.04 -33.16 -36.99
N GLY G 165 26.43 -32.01 -37.24
CA GLY G 165 26.98 -30.75 -36.83
C GLY G 165 28.14 -30.24 -37.66
N SER G 166 28.45 -30.91 -38.79
CA SER G 166 29.56 -30.45 -39.61
C SER G 166 29.30 -29.08 -40.19
N LEU G 167 28.05 -28.80 -40.58
CA LEU G 167 27.66 -27.50 -41.10
C LEU G 167 26.61 -26.90 -40.16
N SER G 168 27.00 -25.85 -39.43
CA SER G 168 26.12 -25.12 -38.54
C SER G 168 25.49 -23.90 -39.22
N SER G 169 26.31 -23.08 -39.88
CA SER G 169 25.79 -21.92 -40.59
C SER G 169 24.95 -22.36 -41.78
N GLY G 170 23.87 -21.63 -42.03
CA GLY G 170 22.96 -21.97 -43.11
C GLY G 170 21.91 -22.99 -42.75
N VAL G 171 21.70 -23.25 -41.46
CA VAL G 171 20.71 -24.22 -40.99
C VAL G 171 19.59 -23.46 -40.30
N HIS G 172 18.34 -23.74 -40.71
CA HIS G 172 17.16 -23.10 -40.14
C HIS G 172 16.18 -24.20 -39.73
N THR G 173 16.28 -24.64 -38.47
CA THR G 173 15.34 -25.62 -37.93
C THR G 173 14.11 -24.88 -37.44
N PHE G 174 12.98 -25.07 -38.14
CA PHE G 174 11.78 -24.30 -37.88
C PHE G 174 11.03 -24.80 -36.66
N PRO G 175 10.32 -23.91 -35.96
CA PRO G 175 9.47 -24.35 -34.84
C PRO G 175 8.36 -25.27 -35.32
N ALA G 176 8.03 -26.23 -34.47
CA ALA G 176 7.06 -27.26 -34.80
C ALA G 176 5.66 -26.66 -34.94
N VAL G 177 4.77 -27.44 -35.55
CA VAL G 177 3.36 -27.13 -35.65
C VAL G 177 2.58 -28.39 -35.34
N LEU G 178 1.33 -28.20 -34.90
CA LEU G 178 0.48 -29.30 -34.48
C LEU G 178 -0.71 -29.43 -35.43
N GLN G 179 -1.12 -30.68 -35.68
CA GLN G 179 -2.25 -30.94 -36.57
C GLN G 179 -2.82 -32.32 -36.23
N SER G 180 -4.03 -32.35 -35.69
CA SER G 180 -4.74 -33.59 -35.37
C SER G 180 -3.93 -34.45 -34.40
N ASP G 181 -3.61 -33.85 -33.25
CA ASP G 181 -2.87 -34.51 -32.18
C ASP G 181 -1.53 -35.06 -32.65
N LEU G 182 -0.90 -34.37 -33.61
CA LEU G 182 0.37 -34.82 -34.19
C LEU G 182 1.21 -33.60 -34.56
N TYR G 183 2.49 -33.65 -34.22
CA TYR G 183 3.40 -32.56 -34.52
C TYR G 183 4.07 -32.77 -35.90
N THR G 184 4.60 -31.68 -36.44
CA THR G 184 5.28 -31.70 -37.73
C THR G 184 6.18 -30.49 -37.83
N LEU G 185 7.48 -30.70 -38.03
CA LEU G 185 8.44 -29.63 -38.19
C LEU G 185 9.16 -29.79 -39.52
N SER G 186 10.06 -28.85 -39.82
CA SER G 186 10.87 -28.89 -41.02
C SER G 186 12.19 -28.18 -40.75
N SER G 187 13.23 -28.62 -41.45
CA SER G 187 14.55 -28.01 -41.37
C SER G 187 15.07 -27.71 -42.76
N SER G 188 16.06 -26.81 -42.83
CA SER G 188 16.66 -26.42 -44.10
C SER G 188 18.15 -26.21 -43.91
N VAL G 189 18.90 -26.50 -44.97
CA VAL G 189 20.35 -26.32 -44.99
C VAL G 189 20.73 -25.55 -46.24
N THR G 190 21.55 -24.51 -46.07
CA THR G 190 22.01 -23.67 -47.16
C THR G 190 23.51 -23.88 -47.33
N VAL G 191 23.89 -24.55 -48.42
CA VAL G 191 25.29 -24.85 -48.73
C VAL G 191 25.59 -24.35 -50.13
N PRO G 192 26.84 -24.02 -50.47
CA PRO G 192 27.13 -23.59 -51.84
C PRO G 192 26.94 -24.72 -52.84
N SER G 193 26.67 -24.33 -54.09
CA SER G 193 26.46 -25.32 -55.14
C SER G 193 27.72 -26.14 -55.39
N SER G 194 28.89 -25.57 -55.08
CA SER G 194 30.16 -26.26 -55.28
C SER G 194 30.37 -27.41 -54.30
N THR G 195 29.56 -27.52 -53.26
CA THR G 195 29.68 -28.56 -52.25
C THR G 195 28.81 -29.78 -52.54
N TRP G 196 27.58 -29.58 -53.03
CA TRP G 196 26.60 -30.64 -53.21
C TRP G 196 26.19 -30.73 -54.68
N PRO G 197 25.88 -31.95 -55.19
CA PRO G 197 25.82 -33.26 -54.54
C PRO G 197 27.18 -33.91 -54.30
N SER G 198 28.26 -33.16 -54.49
CA SER G 198 29.59 -33.68 -54.19
C SER G 198 29.74 -34.03 -52.72
N GLU G 199 28.95 -33.39 -51.86
CA GLU G 199 29.02 -33.68 -50.42
C GLU G 199 28.08 -34.79 -49.99
N THR G 200 26.95 -34.97 -50.68
CA THR G 200 25.85 -35.82 -50.24
C THR G 200 25.45 -35.49 -48.80
N VAL G 201 25.10 -34.23 -48.56
CA VAL G 201 24.84 -33.77 -47.20
C VAL G 201 23.65 -34.51 -46.62
N THR G 202 23.78 -34.90 -45.36
CA THR G 202 22.77 -35.70 -44.66
C THR G 202 22.23 -34.93 -43.46
N CYS G 203 20.94 -35.13 -43.18
CA CYS G 203 20.29 -34.56 -42.02
C CYS G 203 20.04 -35.67 -41.01
N ASN G 204 20.37 -35.40 -39.75
CA ASN G 204 20.27 -36.38 -38.67
C ASN G 204 19.13 -35.97 -37.74
N VAL G 205 17.97 -36.59 -37.93
CA VAL G 205 16.85 -36.39 -37.01
C VAL G 205 16.98 -37.35 -35.84
N ALA G 206 16.34 -37.01 -34.74
CA ALA G 206 16.41 -37.81 -33.53
C ALA G 206 15.18 -37.55 -32.67
N HIS G 207 14.62 -38.62 -32.12
CA HIS G 207 13.44 -38.54 -31.24
C HIS G 207 13.75 -39.30 -29.97
N PRO G 208 14.33 -38.64 -28.96
CA PRO G 208 14.66 -39.34 -27.70
C PRO G 208 13.44 -39.80 -26.92
N ALA G 209 12.23 -39.41 -27.31
CA ALA G 209 11.03 -39.90 -26.64
C ALA G 209 10.62 -41.28 -27.14
N SER G 210 10.87 -41.57 -28.42
CA SER G 210 10.62 -42.89 -28.99
C SER G 210 11.91 -43.67 -29.20
N SER G 211 13.05 -43.14 -28.75
CA SER G 211 14.36 -43.77 -28.83
C SER G 211 14.80 -44.04 -30.26
N THR G 212 14.21 -43.35 -31.23
CA THR G 212 14.53 -43.53 -32.64
C THR G 212 15.50 -42.46 -33.11
N LYS G 213 16.27 -42.80 -34.15
CA LYS G 213 17.20 -41.87 -34.77
C LYS G 213 17.42 -42.30 -36.20
N VAL G 214 17.49 -41.33 -37.11
CA VAL G 214 17.60 -41.61 -38.54
C VAL G 214 18.62 -40.67 -39.16
N ASP G 215 19.38 -41.19 -40.12
CA ASP G 215 20.29 -40.40 -40.94
C ASP G 215 19.83 -40.50 -42.38
N LYS G 216 19.60 -39.34 -43.01
CA LYS G 216 19.05 -39.30 -44.36
C LYS G 216 19.83 -38.31 -45.19
N LYS G 217 20.45 -38.79 -46.26
CA LYS G 217 21.09 -37.94 -47.24
C LYS G 217 20.09 -37.50 -48.28
N ILE G 218 20.20 -36.25 -48.73
CA ILE G 218 19.37 -35.75 -49.80
C ILE G 218 19.94 -36.22 -51.13
N VAL G 219 19.13 -36.93 -51.91
CA VAL G 219 19.53 -37.42 -53.24
C VAL G 219 18.48 -36.97 -54.23
N PRO G 220 18.85 -36.30 -55.33
CA PRO G 220 17.84 -35.81 -56.28
C PRO G 220 17.01 -36.93 -56.89
N ARG G 221 15.82 -36.56 -57.36
CA ARG G 221 14.91 -37.53 -57.96
C ARG G 221 15.36 -37.89 -59.37
#